data_8XPY
#
_entry.id   8XPY
#
_cell.length_a   1.00
_cell.length_b   1.00
_cell.length_c   1.00
_cell.angle_alpha   90.00
_cell.angle_beta   90.00
_cell.angle_gamma   90.00
#
_symmetry.space_group_name_H-M   'P 1'
#
loop_
_entity.id
_entity.type
_entity.pdbx_description
1 polymer 'Glycoprotein G'
2 polymer 'single-domain antibody n425'
3 branched alpha-D-mannopyranose-(1-6)-alpha-D-mannopyranose-(1-6)-beta-D-mannopyranose-(1-4)-2-acetamido-2-deoxy-beta-D-glucopyranose-(1-4)-2-acetamido-2-deoxy-beta-D-glucopyranose
4 branched alpha-D-mannopyranose-(1-6)-alpha-D-mannopyranose-(1-6)-[alpha-D-mannopyranose-(1-3)]beta-D-mannopyranose-(1-4)-2-acetamido-2-deoxy-beta-D-glucopyranose-(1-4)-2-acetamido-2-deoxy-beta-D-glucopyranose
5 branched alpha-D-mannopyranose-(1-6)-beta-D-mannopyranose-(1-4)-2-acetamido-2-deoxy-beta-D-glucopyranose-(1-4)-2-acetamido-2-deoxy-beta-D-glucopyranose
6 branched alpha-D-mannopyranose-(1-3)-[alpha-D-mannopyranose-(1-6)]beta-D-mannopyranose-(1-4)-2-acetamido-2-deoxy-beta-D-glucopyranose-(1-4)-2-acetamido-2-deoxy-beta-D-glucopyranose
#
loop_
_entity_poly.entity_id
_entity_poly.type
_entity_poly.pdbx_seq_one_letter_code
_entity_poly.pdbx_strand_id
1 'polypeptide(L)'
;MPAENKKVRFENTTSDKGKIPSKVIKSYYGTMDIKKINEGLLDSKILSAFNTVIALLGSIVIIVMNIMIIQNYTRSTDNQ
AVIKDALQGIQQQIKGLADKIGTEIGPKVSLIDTSSTITIPANIGLLGSKISQSTASINENVNEKCKFTLPPLKIHECNI
SCPNPLPFREYRPQTEGVSNLVGLPNNICLQKTSNQILKPKLISYTLPVVGQSGTCITDPLLAMDEGYFAYSHLERIGSC
SRGVSKQRIIGVGEVLDRGDEVPSLFMTNVWTPPNPNTVYHCSAVYNNEFYYVLCAVSTVGDPILNSTYWSGSLMMTRLA
VKPKSNGGGYNQHQLALRSIEKGRYDKVMPYGPSGIKQGDTLYFPAVGFLVRTEFKYNDSNCPITKCQYSKPENCRLSMG
IRPNSHYILRSGLLKYNLSDGENPKVVFIEISDQRLSIGSPSKIYDSLGQPVFYQASFSWDTMIKFGDVLTVNPLVVNWR
NNTVISRPGQSQCPRFNTCPEICWEGVYNDAFLIDRINWISAGVFLDSNQTAENPVFTVFKDNEILYRAQLASEDTNAQK
TITNCFLLKNKIWCISLVEIYDTGDNVIRPKLFAVKIPEQCT
;
A
2 'polypeptide(L)'
;EVQLVESGGGLVQPGGSLRLSCAASGFTFSSYAMSWVRQAPGKGLEWVSYISSSSSYTNYADSVKGRFTISRDNSKNTLY
LQMNSLRAEDTASYYCARGLAGVWGIDVWGQGTLVTVSS
;
B
#
loop_
_chem_comp.id
_chem_comp.type
_chem_comp.name
_chem_comp.formula
BMA D-saccharide, beta linking beta-D-mannopyranose 'C6 H12 O6'
MAN D-saccharide, alpha linking alpha-D-mannopyranose 'C6 H12 O6'
NAG D-saccharide, beta linking 2-acetamido-2-deoxy-beta-D-glucopyranose 'C8 H15 N O6'
#
# COMPACT_ATOMS: atom_id res chain seq x y z
N GLU A 176 17.58 -4.54 -16.95
CA GLU A 176 18.22 -3.61 -16.04
C GLU A 176 17.18 -2.87 -15.20
N GLY A 177 17.44 -2.75 -13.91
CA GLY A 177 16.53 -2.07 -13.02
C GLY A 177 15.39 -2.96 -12.55
N VAL A 178 14.27 -2.33 -12.22
CA VAL A 178 13.08 -3.03 -11.74
C VAL A 178 12.03 -2.98 -12.84
N SER A 179 11.64 -4.14 -13.34
CA SER A 179 10.62 -4.25 -14.38
C SER A 179 9.50 -5.16 -13.89
N ASN A 180 8.40 -5.16 -14.64
CA ASN A 180 7.24 -5.99 -14.33
C ASN A 180 7.39 -7.36 -14.99
N LEU A 181 6.50 -8.27 -14.62
CA LEU A 181 6.54 -9.62 -15.16
C LEU A 181 6.06 -9.65 -16.60
N VAL A 182 6.99 -9.53 -17.55
CA VAL A 182 6.67 -9.59 -18.97
C VAL A 182 7.75 -10.37 -19.71
N GLY A 183 7.43 -11.59 -20.12
CA GLY A 183 8.37 -12.43 -20.84
C GLY A 183 8.58 -13.76 -20.14
N LEU A 184 9.82 -14.25 -20.24
CA LEU A 184 10.20 -15.52 -19.65
C LEU A 184 11.31 -15.30 -18.64
N PRO A 185 11.01 -15.26 -17.34
CA PRO A 185 12.06 -15.08 -16.33
C PRO A 185 12.81 -16.39 -16.09
N ASN A 186 13.73 -16.35 -15.13
CA ASN A 186 14.49 -17.53 -14.77
C ASN A 186 13.58 -18.58 -14.14
N ASN A 187 13.76 -19.83 -14.54
CA ASN A 187 12.98 -20.92 -13.97
C ASN A 187 13.26 -21.05 -12.48
N ILE A 188 12.20 -21.28 -11.70
CA ILE A 188 12.30 -21.40 -10.25
C ILE A 188 12.03 -22.84 -9.85
N CYS A 189 12.20 -23.12 -8.57
CA CYS A 189 11.98 -24.47 -8.06
C CYS A 189 10.53 -24.87 -8.24
N LEU A 190 10.32 -26.12 -8.65
CA LEU A 190 8.99 -26.67 -8.89
C LEU A 190 8.81 -27.97 -8.11
N GLN A 191 9.21 -27.95 -6.84
CA GLN A 191 9.11 -29.13 -5.98
C GLN A 191 8.89 -28.66 -4.55
N LYS A 192 8.07 -29.41 -3.82
CA LYS A 192 7.76 -29.07 -2.44
C LYS A 192 8.97 -29.34 -1.57
N THR A 193 9.54 -28.27 -0.99
CA THR A 193 10.67 -28.37 -0.09
C THR A 193 10.41 -27.52 1.14
N SER A 194 11.00 -27.91 2.27
CA SER A 194 10.79 -27.22 3.53
C SER A 194 12.10 -26.98 4.30
N ASN A 195 13.24 -26.99 3.61
CA ASN A 195 14.51 -26.76 4.29
C ASN A 195 14.85 -25.29 4.37
N GLN A 196 13.89 -24.48 4.83
CA GLN A 196 14.07 -23.04 5.02
C GLN A 196 14.75 -22.39 3.82
N ILE A 197 14.17 -22.60 2.64
CA ILE A 197 14.76 -22.05 1.42
C ILE A 197 14.46 -20.58 1.23
N LEU A 198 13.53 -20.01 1.99
CA LEU A 198 13.18 -18.61 1.88
C LEU A 198 13.79 -17.82 3.03
N LYS A 199 14.27 -16.61 2.72
CA LYS A 199 14.86 -15.73 3.71
C LYS A 199 14.41 -14.30 3.48
N PRO A 200 13.27 -13.88 4.06
CA PRO A 200 12.77 -12.52 3.86
C PRO A 200 13.59 -11.50 4.64
N LYS A 201 13.92 -10.39 3.98
CA LYS A 201 14.61 -9.29 4.64
C LYS A 201 13.64 -8.13 4.88
N LEU A 202 14.05 -7.22 5.76
CA LEU A 202 13.23 -6.05 6.11
C LEU A 202 13.86 -4.80 5.52
N ILE A 203 13.03 -3.96 4.91
CA ILE A 203 13.49 -2.74 4.25
C ILE A 203 12.74 -1.54 4.81
N SER A 204 12.28 -1.65 6.05
CA SER A 204 11.46 -0.61 6.69
C SER A 204 11.96 -0.32 8.09
N TYR A 205 13.26 -0.10 8.23
CA TYR A 205 13.82 0.26 9.53
C TYR A 205 13.24 1.59 10.00
N THR A 206 12.40 1.53 11.04
CA THR A 206 11.69 2.70 11.54
C THR A 206 12.52 3.37 12.63
N LEU A 207 12.30 4.67 12.81
CA LEU A 207 13.02 5.42 13.83
C LEU A 207 12.70 4.86 15.22
N PRO A 208 13.69 4.72 16.10
CA PRO A 208 13.41 4.21 17.45
C PRO A 208 12.66 5.22 18.31
N VAL A 209 11.34 5.29 18.13
CA VAL A 209 10.53 6.21 18.92
C VAL A 209 10.60 5.83 20.39
N VAL A 210 10.71 6.84 21.25
CA VAL A 210 10.84 6.65 22.69
C VAL A 210 9.54 7.10 23.35
N GLY A 211 9.25 6.52 24.52
CA GLY A 211 8.04 6.85 25.23
C GLY A 211 6.80 6.33 24.51
N GLN A 212 5.66 6.99 24.77
CA GLN A 212 4.42 6.63 24.12
C GLN A 212 4.45 7.06 22.66
N SER A 213 3.50 6.58 21.86
CA SER A 213 3.48 6.91 20.44
C SER A 213 2.27 7.78 20.11
N GLY A 214 1.07 7.27 20.36
CA GLY A 214 -0.15 7.97 20.03
C GLY A 214 -0.23 8.38 18.57
N THR A 215 0.36 7.58 17.69
CA THR A 215 0.43 7.88 16.26
C THR A 215 0.06 6.62 15.48
N CYS A 216 -1.07 6.01 15.84
CA CYS A 216 -1.44 4.72 15.25
C CYS A 216 -1.65 4.86 13.75
N ILE A 217 -1.04 3.96 12.99
CA ILE A 217 -1.05 4.01 11.53
C ILE A 217 -2.10 3.04 11.03
N THR A 218 -3.15 3.57 10.42
CA THR A 218 -4.24 2.76 9.87
C THR A 218 -4.38 3.07 8.38
N ASP A 219 -5.21 2.26 7.70
CA ASP A 219 -5.52 2.40 6.29
C ASP A 219 -4.24 2.46 5.44
N PRO A 220 -3.52 1.36 5.29
CA PRO A 220 -2.32 1.37 4.46
C PRO A 220 -2.66 1.20 2.98
N LEU A 221 -1.65 1.41 2.14
CA LEU A 221 -1.79 1.23 0.70
C LEU A 221 -0.43 0.97 0.10
N LEU A 222 -0.35 -0.06 -0.75
CA LEU A 222 0.89 -0.40 -1.44
C LEU A 222 0.55 -0.86 -2.85
N ALA A 223 0.88 -0.05 -3.84
CA ALA A 223 0.62 -0.34 -5.25
C ALA A 223 1.92 -0.20 -6.02
N MET A 224 2.37 -1.29 -6.65
CA MET A 224 3.60 -1.31 -7.40
C MET A 224 3.31 -1.66 -8.85
N ASP A 225 3.87 -0.88 -9.77
CA ASP A 225 3.66 -1.10 -11.20
C ASP A 225 4.80 -0.49 -11.98
N GLU A 226 5.45 -1.29 -12.82
CA GLU A 226 6.51 -0.84 -13.73
C GLU A 226 7.63 -0.15 -12.96
N GLY A 227 7.93 -0.66 -11.77
CA GLY A 227 8.99 -0.10 -10.96
C GLY A 227 8.64 1.18 -10.25
N TYR A 228 7.36 1.55 -10.19
CA TYR A 228 6.90 2.72 -9.47
C TYR A 228 5.94 2.28 -8.39
N PHE A 229 6.20 2.72 -7.16
CA PHE A 229 5.39 2.34 -6.00
C PHE A 229 4.69 3.54 -5.41
N ALA A 230 3.53 3.28 -4.80
CA ALA A 230 2.74 4.28 -4.12
C ALA A 230 2.46 3.82 -2.70
N TYR A 231 2.18 4.78 -1.83
CA TYR A 231 1.96 4.50 -0.42
C TYR A 231 0.98 5.50 0.16
N SER A 232 0.10 5.02 1.04
CA SER A 232 -0.88 5.87 1.71
C SER A 232 -1.16 5.30 3.09
N HIS A 233 -1.20 6.18 4.10
CA HIS A 233 -1.46 5.77 5.46
C HIS A 233 -2.03 6.95 6.23
N LEU A 234 -2.80 6.66 7.27
CA LEU A 234 -3.43 7.68 8.11
C LEU A 234 -2.91 7.54 9.53
N GLU A 235 -2.44 8.65 10.09
CA GLU A 235 -1.91 8.69 11.45
C GLU A 235 -2.99 9.26 12.37
N ARG A 236 -3.49 8.41 13.27
CA ARG A 236 -4.53 8.79 14.21
C ARG A 236 -3.93 8.93 15.60
N ILE A 237 -4.31 10.01 16.30
CA ILE A 237 -3.76 10.30 17.61
C ILE A 237 -4.55 9.54 18.68
N GLY A 238 -3.83 8.87 19.56
CA GLY A 238 -4.46 8.12 20.64
C GLY A 238 -4.71 6.68 20.25
N SER A 239 -5.99 6.30 20.18
CA SER A 239 -6.37 4.96 19.80
C SER A 239 -6.29 4.81 18.28
N CYS A 240 -6.72 3.65 17.77
CA CYS A 240 -6.70 3.37 16.35
C CYS A 240 -8.08 3.38 15.71
N SER A 241 -9.09 2.81 16.39
CA SER A 241 -10.43 2.79 15.83
C SER A 241 -11.09 4.17 15.93
N ARG A 242 -11.00 4.79 17.10
CA ARG A 242 -11.60 6.10 17.35
C ARG A 242 -10.49 7.08 17.71
N GLY A 243 -9.91 7.71 16.69
CA GLY A 243 -8.85 8.67 16.89
C GLY A 243 -8.86 9.77 15.84
N VAL A 244 -8.56 11.00 16.26
CA VAL A 244 -8.54 12.12 15.33
C VAL A 244 -7.37 11.98 14.37
N SER A 245 -7.58 12.37 13.11
CA SER A 245 -6.54 12.27 12.10
C SER A 245 -5.55 13.42 12.24
N LYS A 246 -4.28 13.15 11.93
CA LYS A 246 -3.23 14.14 12.03
C LYS A 246 -2.66 14.50 10.66
N GLN A 247 -2.19 13.52 9.90
CA GLN A 247 -1.62 13.76 8.58
C GLN A 247 -2.00 12.62 7.65
N ARG A 248 -2.42 12.98 6.44
CA ARG A 248 -2.74 12.02 5.39
C ARG A 248 -1.62 12.11 4.35
N ILE A 249 -0.73 11.13 4.36
CA ILE A 249 0.45 11.13 3.50
C ILE A 249 0.17 10.26 2.28
N ILE A 250 0.27 10.86 1.10
CA ILE A 250 0.17 10.13 -0.17
C ILE A 250 1.52 10.28 -0.86
N GLY A 251 2.24 9.18 -1.02
CA GLY A 251 3.58 9.23 -1.56
C GLY A 251 3.75 8.34 -2.78
N VAL A 252 4.60 8.79 -3.69
CA VAL A 252 4.97 8.01 -4.87
C VAL A 252 6.49 7.99 -4.97
N GLY A 253 7.02 6.93 -5.57
CA GLY A 253 8.46 6.83 -5.71
C GLY A 253 8.85 5.72 -6.65
N GLU A 254 10.16 5.63 -6.88
CA GLU A 254 10.73 4.61 -7.76
C GLU A 254 11.24 3.43 -6.94
N VAL A 255 11.31 2.28 -7.58
CA VAL A 255 11.79 1.06 -6.95
C VAL A 255 13.21 0.82 -7.48
N LEU A 256 14.19 0.92 -6.59
CA LEU A 256 15.59 0.72 -6.98
C LEU A 256 16.26 -0.32 -6.07
N ASP A 257 17.57 -0.47 -6.21
CA ASP A 257 18.32 -1.44 -5.43
C ASP A 257 18.83 -0.80 -4.14
N ARG A 258 19.13 -1.66 -3.16
CA ARG A 258 19.67 -1.23 -1.87
C ARG A 258 21.17 -1.46 -1.79
N GLY A 259 21.85 -1.59 -2.93
CA GLY A 259 23.28 -1.83 -2.94
C GLY A 259 23.68 -3.27 -2.64
N ASP A 260 22.72 -4.15 -2.36
CA ASP A 260 23.02 -5.54 -2.07
C ASP A 260 22.09 -6.48 -2.84
N GLU A 261 21.74 -6.11 -4.07
CA GLU A 261 20.82 -6.86 -4.93
C GLU A 261 19.45 -7.05 -4.31
N VAL A 262 19.09 -6.23 -3.34
CA VAL A 262 17.78 -6.30 -2.70
C VAL A 262 17.00 -5.04 -3.07
N PRO A 263 15.77 -5.17 -3.56
CA PRO A 263 15.01 -3.97 -3.95
C PRO A 263 14.56 -3.17 -2.74
N SER A 264 14.48 -1.85 -2.95
CA SER A 264 14.03 -0.93 -1.91
C SER A 264 13.10 0.10 -2.53
N LEU A 265 12.30 0.73 -1.68
CA LEU A 265 11.30 1.71 -2.10
C LEU A 265 11.82 3.11 -1.80
N PHE A 266 12.27 3.81 -2.85
CA PHE A 266 12.74 5.18 -2.74
C PHE A 266 11.59 6.12 -3.11
N MET A 267 10.90 6.62 -2.09
CA MET A 267 9.77 7.53 -2.32
C MET A 267 10.29 8.87 -2.80
N THR A 268 9.77 9.35 -3.94
CA THR A 268 10.27 10.54 -4.58
C THR A 268 9.41 11.77 -4.32
N ASN A 269 8.13 11.61 -4.05
CA ASN A 269 7.25 12.74 -3.80
C ASN A 269 6.24 12.37 -2.72
N VAL A 270 5.90 13.33 -1.88
CA VAL A 270 4.97 13.15 -0.77
C VAL A 270 4.05 14.36 -0.73
N TRP A 271 2.75 14.10 -0.60
CA TRP A 271 1.75 15.16 -0.55
C TRP A 271 0.76 14.90 0.57
N THR A 272 0.14 15.97 1.07
CA THR A 272 -0.83 15.89 2.14
C THR A 272 -2.04 16.76 1.82
N PRO A 273 -3.23 16.18 1.72
CA PRO A 273 -4.44 16.97 1.49
C PRO A 273 -4.70 17.92 2.65
N PRO A 274 -5.46 18.99 2.42
CA PRO A 274 -5.74 19.93 3.53
C PRO A 274 -6.46 19.29 4.70
N ASN A 275 -7.59 18.63 4.44
CA ASN A 275 -8.37 18.00 5.50
C ASN A 275 -8.02 16.52 5.55
N PRO A 276 -7.34 16.04 6.60
CA PRO A 276 -6.99 14.61 6.66
C PRO A 276 -8.16 13.71 7.05
N ASN A 277 -9.20 14.26 7.68
CA ASN A 277 -10.35 13.48 8.12
C ASN A 277 -11.42 13.35 7.04
N THR A 278 -11.08 13.64 5.78
CA THR A 278 -12.03 13.53 4.68
C THR A 278 -11.55 12.63 3.56
N VAL A 279 -10.30 12.18 3.58
CA VAL A 279 -9.74 11.32 2.54
C VAL A 279 -9.78 9.88 3.05
N TYR A 280 -10.45 9.00 2.30
CA TYR A 280 -10.57 7.61 2.69
C TYR A 280 -10.55 6.74 1.44
N HIS A 281 -9.95 5.55 1.57
CA HIS A 281 -9.99 4.49 0.57
C HIS A 281 -9.43 4.98 -0.77
N CYS A 282 -8.13 5.26 -0.75
CA CYS A 282 -7.44 5.70 -1.95
C CYS A 282 -7.12 4.51 -2.86
N SER A 283 -6.65 4.83 -4.06
CA SER A 283 -6.22 3.83 -5.04
C SER A 283 -4.99 4.36 -5.74
N ALA A 284 -4.50 3.62 -6.74
CA ALA A 284 -3.30 4.02 -7.45
C ALA A 284 -3.23 3.30 -8.79
N VAL A 285 -2.66 3.99 -9.78
CA VAL A 285 -2.43 3.42 -11.10
C VAL A 285 -1.41 4.31 -11.81
N TYR A 286 -0.62 3.70 -12.69
CA TYR A 286 0.46 4.40 -13.41
C TYR A 286 0.34 4.07 -14.89
N ASN A 287 -0.08 5.05 -15.70
CA ASN A 287 -0.30 4.80 -17.12
C ASN A 287 0.93 5.14 -17.96
N ASN A 288 1.32 6.42 -17.98
CA ASN A 288 2.50 6.84 -18.72
C ASN A 288 3.56 7.47 -17.82
N GLU A 289 3.22 8.55 -17.11
CA GLU A 289 4.14 9.19 -16.18
C GLU A 289 3.44 9.68 -14.92
N PHE A 290 2.14 9.45 -14.78
CA PHE A 290 1.37 9.92 -13.65
C PHE A 290 0.93 8.74 -12.80
N TYR A 291 1.04 8.90 -11.48
CA TYR A 291 0.57 7.89 -10.53
C TYR A 291 -0.76 8.38 -9.99
N TYR A 292 -1.83 8.10 -10.73
CA TYR A 292 -3.15 8.61 -10.39
C TYR A 292 -3.65 7.97 -9.09
N VAL A 293 -3.86 8.81 -8.08
CA VAL A 293 -4.37 8.37 -6.79
C VAL A 293 -5.84 8.75 -6.70
N LEU A 294 -6.71 7.75 -6.59
CA LEU A 294 -8.15 7.96 -6.56
C LEU A 294 -8.66 7.66 -5.15
N CYS A 295 -8.92 8.73 -4.40
CA CYS A 295 -9.47 8.64 -3.05
C CYS A 295 -10.92 9.06 -3.05
N ALA A 296 -11.59 8.84 -1.92
CA ALA A 296 -12.98 9.21 -1.73
C ALA A 296 -13.09 10.34 -0.72
N VAL A 297 -13.94 11.32 -1.03
CA VAL A 297 -14.19 12.45 -0.14
C VAL A 297 -15.43 12.13 0.69
N SER A 298 -15.27 12.14 2.01
CA SER A 298 -16.37 11.83 2.92
C SER A 298 -16.37 12.83 4.06
N THR A 299 -17.53 13.43 4.31
CA THR A 299 -17.71 14.38 5.41
C THR A 299 -18.63 13.82 6.50
N VAL A 300 -18.96 12.54 6.42
CA VAL A 300 -19.83 11.89 7.41
C VAL A 300 -19.16 10.74 8.12
N GLY A 301 -17.92 10.40 7.78
CA GLY A 301 -17.23 9.29 8.41
C GLY A 301 -16.52 8.39 7.43
N ASP A 302 -16.71 7.08 7.57
CA ASP A 302 -16.10 6.12 6.67
C ASP A 302 -17.07 5.75 5.55
N PRO A 303 -16.58 5.55 4.33
CA PRO A 303 -17.49 5.26 3.21
C PRO A 303 -18.31 4.00 3.41
N ILE A 304 -17.67 2.86 3.72
CA ILE A 304 -18.41 1.62 3.87
C ILE A 304 -19.21 1.61 5.16
N LEU A 305 -18.76 2.36 6.18
CA LEU A 305 -19.50 2.42 7.43
C LEU A 305 -20.73 3.32 7.31
N ASN A 306 -20.56 4.50 6.70
CA ASN A 306 -21.65 5.44 6.49
C ASN A 306 -21.90 5.55 4.98
N SER A 307 -22.90 4.81 4.50
CA SER A 307 -23.23 4.79 3.09
C SER A 307 -24.52 5.53 2.75
N THR A 308 -25.43 5.68 3.71
CA THR A 308 -26.70 6.35 3.48
C THR A 308 -26.62 7.86 3.73
N TYR A 309 -25.43 8.39 4.00
CA TYR A 309 -25.24 9.82 4.18
C TYR A 309 -24.04 10.36 3.41
N TRP A 310 -23.31 9.51 2.70
CA TRP A 310 -22.14 9.97 1.96
C TRP A 310 -22.56 10.71 0.70
N SER A 311 -21.84 11.78 0.39
CA SER A 311 -22.18 12.61 -0.77
C SER A 311 -22.06 11.81 -2.07
N GLY A 312 -20.86 11.35 -2.38
CA GLY A 312 -20.64 10.58 -3.60
C GLY A 312 -19.53 11.14 -4.46
N SER A 313 -19.00 12.30 -4.07
CA SER A 313 -17.92 12.91 -4.84
C SER A 313 -16.62 12.15 -4.64
N LEU A 314 -15.84 12.06 -5.70
CA LEU A 314 -14.56 11.36 -5.67
C LEU A 314 -13.42 12.34 -5.93
N MET A 315 -12.25 12.02 -5.39
CA MET A 315 -11.07 12.85 -5.49
C MET A 315 -10.00 12.11 -6.29
N MET A 316 -9.33 12.82 -7.20
CA MET A 316 -8.30 12.23 -8.04
C MET A 316 -7.11 13.16 -8.11
N THR A 317 -5.93 12.66 -7.73
CA THR A 317 -4.70 13.43 -7.72
C THR A 317 -3.70 12.84 -8.70
N ARG A 318 -3.02 13.69 -9.46
CA ARG A 318 -2.02 13.28 -10.43
C ARG A 318 -0.65 13.47 -9.81
N LEU A 319 -0.15 12.44 -9.13
CA LEU A 319 1.20 12.44 -8.60
C LEU A 319 2.14 11.81 -9.62
N ALA A 320 3.36 12.31 -9.68
CA ALA A 320 4.34 11.85 -10.66
C ALA A 320 5.72 11.81 -10.00
N VAL A 321 6.71 11.42 -10.79
CA VAL A 321 8.11 11.36 -10.36
C VAL A 321 8.87 12.45 -11.10
N LYS A 322 9.82 13.08 -10.40
CA LYS A 322 10.61 14.19 -10.94
C LYS A 322 9.68 15.31 -11.39
N PRO A 323 9.04 16.03 -10.47
CA PRO A 323 8.04 17.03 -10.85
C PRO A 323 8.59 18.22 -11.62
N LYS A 324 9.90 18.31 -11.82
CA LYS A 324 10.52 19.43 -12.55
C LYS A 324 10.17 20.76 -11.88
N SER A 325 10.78 20.95 -10.71
CA SER A 325 10.56 22.10 -9.84
C SER A 325 10.43 23.42 -10.60
N ASN A 326 11.30 23.65 -11.58
CA ASN A 326 11.24 24.86 -12.41
C ASN A 326 10.14 24.71 -13.48
N GLY A 327 8.91 24.54 -13.00
CA GLY A 327 7.76 24.37 -13.86
C GLY A 327 6.51 24.90 -13.21
N GLY A 328 5.37 24.49 -13.76
CA GLY A 328 4.09 24.94 -13.24
C GLY A 328 3.47 23.99 -12.23
N GLY A 329 2.27 23.49 -12.53
CA GLY A 329 1.53 22.63 -11.65
C GLY A 329 1.76 21.15 -11.82
N TYR A 330 2.91 20.73 -12.31
CA TYR A 330 3.20 19.32 -12.50
C TYR A 330 3.81 18.70 -11.24
N ASN A 331 3.17 18.96 -10.10
CA ASN A 331 3.48 18.26 -8.85
C ASN A 331 2.28 17.97 -7.98
N GLN A 332 1.13 18.63 -8.21
CA GLN A 332 0.01 18.56 -7.28
C GLN A 332 -1.35 18.48 -7.95
N HIS A 333 -1.44 18.63 -9.27
CA HIS A 333 -2.71 18.76 -9.99
C HIS A 333 -3.71 17.71 -9.57
N GLN A 334 -4.85 18.17 -9.04
CA GLN A 334 -5.93 17.32 -8.56
C GLN A 334 -7.10 17.43 -9.53
N LEU A 335 -7.32 16.37 -10.31
CA LEU A 335 -8.38 16.39 -11.30
C LEU A 335 -9.75 16.36 -10.62
N ALA A 336 -10.62 17.28 -11.02
CA ALA A 336 -11.97 17.38 -10.49
C ALA A 336 -12.91 16.63 -11.43
N LEU A 337 -13.49 15.53 -10.94
CA LEU A 337 -14.38 14.73 -11.75
C LEU A 337 -15.69 15.47 -11.98
N ARG A 338 -16.11 15.57 -13.23
CA ARG A 338 -17.36 16.25 -13.57
C ARG A 338 -18.55 15.53 -12.95
N SER A 339 -18.79 14.29 -13.38
CA SER A 339 -19.92 13.52 -12.88
C SER A 339 -19.65 12.04 -13.14
N ILE A 340 -20.21 11.20 -12.28
CA ILE A 340 -20.06 9.75 -12.39
C ILE A 340 -21.32 9.18 -13.02
N GLU A 341 -21.16 8.50 -14.15
CA GLU A 341 -22.30 7.92 -14.88
C GLU A 341 -22.42 6.45 -14.46
N LYS A 342 -23.37 6.18 -13.58
CA LYS A 342 -23.64 4.82 -13.12
C LYS A 342 -24.77 4.22 -13.94
N GLY A 343 -24.62 2.97 -14.35
CA GLY A 343 -25.65 2.29 -15.11
C GLY A 343 -26.92 2.10 -14.31
N ARG A 344 -26.82 1.35 -13.21
CA ARG A 344 -27.97 1.15 -12.34
C ARG A 344 -27.60 1.25 -10.86
N TYR A 345 -26.45 1.83 -10.53
CA TYR A 345 -25.99 1.93 -9.16
C TYR A 345 -26.31 3.31 -8.59
N ASP A 346 -26.03 3.49 -7.31
CA ASP A 346 -26.25 4.75 -6.62
C ASP A 346 -24.96 5.47 -6.26
N LYS A 347 -24.03 4.78 -5.60
CA LYS A 347 -22.77 5.38 -5.19
C LYS A 347 -21.62 4.43 -5.47
N VAL A 348 -20.53 4.96 -5.99
CA VAL A 348 -19.33 4.19 -6.26
C VAL A 348 -18.19 4.78 -5.44
N MET A 349 -17.23 3.91 -5.08
CA MET A 349 -16.12 4.34 -4.24
C MET A 349 -14.92 3.45 -4.52
N PRO A 350 -13.74 4.03 -4.76
CA PRO A 350 -12.55 3.21 -5.03
C PRO A 350 -12.08 2.45 -3.80
N TYR A 351 -12.14 1.12 -3.86
CA TYR A 351 -11.74 0.25 -2.75
C TYR A 351 -10.74 -0.76 -3.30
N GLY A 352 -9.46 -0.38 -3.32
CA GLY A 352 -8.43 -1.23 -3.84
C GLY A 352 -7.08 -0.54 -3.94
N PRO A 353 -6.01 -1.27 -3.62
CA PRO A 353 -4.67 -0.67 -3.66
C PRO A 353 -4.18 -0.35 -5.05
N SER A 354 -4.30 -1.30 -5.98
CA SER A 354 -3.69 -1.17 -7.30
C SER A 354 -4.65 -1.65 -8.38
N GLY A 355 -4.57 -1.01 -9.54
CA GLY A 355 -5.33 -1.41 -10.71
C GLY A 355 -4.44 -1.71 -11.90
N ILE A 356 -4.98 -1.59 -13.11
CA ILE A 356 -4.22 -1.85 -14.33
C ILE A 356 -4.39 -0.67 -15.27
N LYS A 357 -3.56 -0.65 -16.30
CA LYS A 357 -3.62 0.34 -17.37
C LYS A 357 -3.66 -0.35 -18.73
N GLN A 358 -4.38 0.27 -19.66
CA GLN A 358 -4.51 -0.25 -21.02
C GLN A 358 -4.30 0.87 -22.04
N GLY A 359 -3.26 1.66 -21.82
CA GLY A 359 -2.92 2.73 -22.74
C GLY A 359 -3.65 4.04 -22.45
N ASP A 360 -4.95 4.08 -22.74
CA ASP A 360 -5.75 5.28 -22.56
C ASP A 360 -6.97 5.04 -21.68
N THR A 361 -6.97 3.95 -20.90
CA THR A 361 -8.09 3.62 -20.04
C THR A 361 -7.55 3.12 -18.70
N LEU A 362 -7.87 3.84 -17.62
CA LEU A 362 -7.48 3.44 -16.28
C LEU A 362 -8.58 2.59 -15.67
N TYR A 363 -8.18 1.58 -14.90
CA TYR A 363 -9.13 0.66 -14.26
C TYR A 363 -8.81 0.60 -12.77
N PHE A 364 -9.66 1.24 -11.96
CA PHE A 364 -9.45 1.22 -10.52
C PHE A 364 -10.32 0.15 -9.88
N PRO A 365 -9.77 -0.70 -9.00
CA PRO A 365 -10.61 -1.67 -8.27
C PRO A 365 -11.49 -0.94 -7.25
N ALA A 366 -12.80 -1.04 -7.42
CA ALA A 366 -13.74 -0.26 -6.61
C ALA A 366 -14.93 -1.13 -6.24
N VAL A 367 -15.87 -0.52 -5.53
CA VAL A 367 -17.09 -1.20 -5.10
C VAL A 367 -18.23 -0.21 -5.13
N GLY A 368 -19.39 -0.67 -5.59
CA GLY A 368 -20.58 0.15 -5.67
C GLY A 368 -21.55 -0.18 -4.54
N PHE A 369 -22.22 0.86 -4.04
CA PHE A 369 -23.23 0.72 -3.00
C PHE A 369 -24.58 0.57 -3.68
N LEU A 370 -24.93 -0.67 -4.02
CA LEU A 370 -26.18 -0.94 -4.74
C LEU A 370 -27.34 -1.06 -3.76
N VAL A 371 -28.52 -0.66 -4.22
CA VAL A 371 -29.71 -0.76 -3.39
C VAL A 371 -30.03 -2.22 -3.12
N ARG A 372 -30.29 -2.55 -1.85
CA ARG A 372 -30.55 -3.93 -1.48
C ARG A 372 -31.91 -4.41 -1.98
N THR A 373 -32.88 -3.49 -2.09
CA THR A 373 -34.22 -3.84 -2.55
C THR A 373 -34.32 -3.92 -4.07
N GLU A 374 -33.19 -3.79 -4.78
CA GLU A 374 -33.18 -3.89 -6.23
C GLU A 374 -32.02 -4.74 -6.71
N PHE A 375 -31.75 -5.86 -6.04
CA PHE A 375 -30.68 -6.78 -6.41
C PHE A 375 -31.29 -8.11 -6.82
N LYS A 376 -30.74 -8.71 -7.88
CA LYS A 376 -31.26 -9.94 -8.44
C LYS A 376 -30.24 -11.05 -8.20
N TYR A 377 -30.61 -12.03 -7.38
CA TYR A 377 -29.74 -13.18 -7.11
C TYR A 377 -30.64 -14.34 -6.68
N ASN A 378 -30.83 -15.31 -7.58
CA ASN A 378 -31.67 -16.45 -7.27
C ASN A 378 -31.02 -17.31 -6.19
N ASP A 379 -31.86 -17.84 -5.30
CA ASP A 379 -31.36 -18.68 -4.20
C ASP A 379 -31.15 -20.11 -4.65
N SER A 380 -30.42 -20.31 -5.74
CA SER A 380 -30.13 -21.64 -6.24
C SER A 380 -28.63 -21.83 -6.44
N ASN A 381 -27.94 -20.75 -6.83
CA ASN A 381 -26.50 -20.82 -7.06
C ASN A 381 -25.70 -20.88 -5.76
N CYS A 382 -26.38 -20.77 -4.62
CA CYS A 382 -25.68 -20.79 -3.34
C CYS A 382 -25.06 -22.17 -3.10
N PRO A 383 -23.82 -22.24 -2.61
CA PRO A 383 -23.19 -23.55 -2.38
C PRO A 383 -23.77 -24.26 -1.16
N ILE A 384 -24.91 -24.92 -1.35
CA ILE A 384 -25.60 -25.61 -0.26
C ILE A 384 -25.49 -27.11 -0.47
N THR A 385 -24.39 -27.55 -1.07
CA THR A 385 -24.17 -28.96 -1.34
C THR A 385 -24.24 -29.78 -0.05
N LYS A 386 -23.30 -29.54 0.88
CA LYS A 386 -23.30 -30.18 2.19
C LYS A 386 -23.16 -29.08 3.24
N CYS A 387 -24.28 -28.46 3.57
CA CYS A 387 -24.31 -27.36 4.53
C CYS A 387 -25.53 -27.50 5.44
N GLN A 388 -25.74 -28.73 5.94
CA GLN A 388 -26.92 -29.04 6.76
C GLN A 388 -27.09 -28.07 7.93
N TYR A 389 -25.98 -27.67 8.56
CA TYR A 389 -26.07 -26.71 9.66
C TYR A 389 -26.32 -25.30 9.16
N SER A 390 -25.93 -25.01 7.92
CA SER A 390 -26.12 -23.67 7.39
C SER A 390 -27.57 -23.48 6.92
N LYS A 391 -27.87 -22.26 6.48
CA LYS A 391 -29.19 -21.89 6.01
C LYS A 391 -29.15 -21.52 4.53
N PRO A 392 -30.11 -21.99 3.73
CA PRO A 392 -30.09 -21.67 2.30
C PRO A 392 -30.23 -20.18 1.99
N GLU A 393 -30.81 -19.39 2.90
CA GLU A 393 -31.01 -17.97 2.68
C GLU A 393 -29.84 -17.12 3.17
N ASN A 394 -28.64 -17.69 3.23
CA ASN A 394 -27.48 -16.95 3.70
C ASN A 394 -26.74 -16.23 2.58
N CYS A 395 -26.82 -16.73 1.35
CA CYS A 395 -26.13 -16.08 0.23
C CYS A 395 -26.75 -14.71 -0.07
N ARG A 396 -28.07 -14.60 0.06
CA ARG A 396 -28.75 -13.35 -0.29
C ARG A 396 -28.38 -12.23 0.69
N LEU A 397 -28.49 -12.51 1.98
CA LEU A 397 -28.18 -11.52 3.01
C LEU A 397 -26.72 -11.61 3.45
N SER A 398 -25.80 -11.56 2.47
CA SER A 398 -24.37 -11.64 2.76
C SER A 398 -23.55 -10.57 2.04
N MET A 399 -24.04 -9.98 0.96
CA MET A 399 -23.31 -8.96 0.22
C MET A 399 -23.43 -7.58 0.85
N GLY A 400 -23.91 -7.48 2.08
CA GLY A 400 -23.99 -6.23 2.78
C GLY A 400 -23.14 -6.20 4.03
N ILE A 401 -22.76 -5.00 4.49
CA ILE A 401 -21.94 -4.89 5.69
C ILE A 401 -22.72 -5.37 6.91
N ARG A 402 -24.04 -5.25 6.88
CA ARG A 402 -24.90 -5.67 7.97
C ARG A 402 -26.10 -6.41 7.39
N PRO A 403 -26.75 -7.26 8.18
CA PRO A 403 -27.95 -7.94 7.65
C PRO A 403 -29.08 -6.99 7.28
N ASN A 404 -29.38 -6.04 8.15
CA ASN A 404 -30.39 -5.02 7.86
C ASN A 404 -29.67 -3.77 7.38
N SER A 405 -29.19 -3.80 6.15
CA SER A 405 -28.45 -2.71 5.55
C SER A 405 -29.17 -2.22 4.31
N HIS A 406 -29.05 -0.93 4.04
CA HIS A 406 -29.72 -0.31 2.89
C HIS A 406 -28.86 -0.34 1.63
N TYR A 407 -27.55 -0.59 1.75
CA TYR A 407 -26.66 -0.61 0.61
C TYR A 407 -25.77 -1.83 0.69
N ILE A 408 -25.74 -2.61 -0.39
CA ILE A 408 -24.88 -3.79 -0.49
C ILE A 408 -23.65 -3.43 -1.31
N LEU A 409 -22.55 -4.10 -1.01
CA LEU A 409 -21.25 -3.84 -1.65
C LEU A 409 -21.08 -4.78 -2.83
N ARG A 410 -21.07 -4.21 -4.04
CA ARG A 410 -20.85 -4.98 -5.26
C ARG A 410 -19.48 -4.59 -5.82
N SER A 411 -18.53 -5.50 -5.77
CA SER A 411 -17.18 -5.21 -6.24
C SER A 411 -17.17 -5.05 -7.76
N GLY A 412 -16.10 -4.43 -8.25
CA GLY A 412 -15.96 -4.25 -9.69
C GLY A 412 -14.84 -3.27 -9.99
N LEU A 413 -14.91 -2.68 -11.18
CA LEU A 413 -13.90 -1.76 -11.65
C LEU A 413 -14.52 -0.42 -12.02
N LEU A 414 -13.71 0.63 -11.89
CA LEU A 414 -14.04 1.96 -12.36
C LEU A 414 -13.18 2.26 -13.57
N LYS A 415 -13.82 2.45 -14.72
CA LYS A 415 -13.14 2.81 -15.95
C LYS A 415 -13.04 4.33 -16.05
N TYR A 416 -11.83 4.82 -16.30
CA TYR A 416 -11.51 6.24 -16.39
C TYR A 416 -10.88 6.49 -17.76
N ASN A 417 -11.58 7.23 -18.61
CA ASN A 417 -11.13 7.49 -19.98
C ASN A 417 -10.50 8.88 -20.00
N LEU A 418 -9.20 8.95 -19.73
CA LEU A 418 -8.49 10.22 -19.70
C LEU A 418 -8.14 10.75 -21.08
N SER A 419 -8.45 10.01 -22.14
CA SER A 419 -8.13 10.42 -23.50
C SER A 419 -9.33 10.96 -24.27
N ASP A 420 -10.53 10.85 -23.74
CA ASP A 420 -11.74 11.30 -24.42
C ASP A 420 -12.37 12.47 -23.67
N GLY A 421 -12.94 13.39 -24.45
CA GLY A 421 -13.60 14.55 -23.88
C GLY A 421 -12.64 15.59 -23.33
N GLU A 422 -13.15 16.80 -23.05
CA GLU A 422 -12.32 17.84 -22.45
C GLU A 422 -11.84 17.40 -21.07
N ASN A 423 -12.77 17.07 -20.18
CA ASN A 423 -12.45 16.51 -18.89
C ASN A 423 -12.93 15.07 -18.81
N PRO A 424 -12.10 14.15 -18.31
CA PRO A 424 -12.46 12.73 -18.35
C PRO A 424 -13.63 12.41 -17.44
N LYS A 425 -14.28 11.28 -17.74
CA LYS A 425 -15.42 10.78 -16.99
C LYS A 425 -15.07 9.45 -16.34
N VAL A 426 -15.95 9.00 -15.45
CA VAL A 426 -15.78 7.75 -14.72
C VAL A 426 -17.04 6.92 -14.90
N VAL A 427 -16.87 5.64 -15.27
CA VAL A 427 -17.98 4.70 -15.34
C VAL A 427 -17.63 3.47 -14.50
N PHE A 428 -18.65 2.67 -14.23
CA PHE A 428 -18.50 1.50 -13.36
C PHE A 428 -18.89 0.24 -14.12
N ILE A 429 -18.12 -0.83 -13.89
CA ILE A 429 -18.40 -2.15 -14.47
C ILE A 429 -18.35 -3.17 -13.35
N GLU A 430 -19.45 -3.90 -13.17
CA GLU A 430 -19.55 -4.83 -12.06
C GLU A 430 -18.88 -6.16 -12.41
N ILE A 431 -18.57 -6.92 -11.35
CA ILE A 431 -17.97 -8.25 -11.50
C ILE A 431 -19.05 -9.24 -11.92
N SER A 432 -18.65 -10.25 -12.69
CA SER A 432 -19.58 -11.25 -13.15
C SER A 432 -20.17 -12.03 -11.98
N ASP A 433 -21.34 -12.62 -12.21
CA ASP A 433 -22.06 -13.35 -11.17
C ASP A 433 -21.38 -14.66 -10.79
N GLN A 434 -20.41 -15.13 -11.58
CA GLN A 434 -19.71 -16.37 -11.27
C GLN A 434 -18.93 -16.26 -9.97
N ARG A 435 -19.39 -17.01 -8.95
CA ARG A 435 -18.78 -16.99 -7.62
C ARG A 435 -18.75 -15.56 -7.06
N LEU A 436 -19.95 -15.02 -6.87
CA LEU A 436 -20.11 -13.64 -6.42
C LEU A 436 -20.03 -13.56 -4.90
N SER A 437 -19.38 -12.51 -4.41
CA SER A 437 -19.23 -12.27 -2.97
C SER A 437 -19.44 -10.79 -2.70
N ILE A 438 -19.25 -10.40 -1.44
CA ILE A 438 -19.41 -9.00 -1.06
C ILE A 438 -18.24 -8.18 -1.59
N GLY A 439 -18.49 -6.91 -1.84
CA GLY A 439 -17.41 -6.03 -2.26
C GLY A 439 -16.39 -5.83 -1.16
N SER A 440 -15.12 -5.93 -1.53
CA SER A 440 -14.03 -5.82 -0.59
C SER A 440 -12.83 -5.24 -1.31
N PRO A 441 -11.81 -4.77 -0.57
CA PRO A 441 -10.57 -4.31 -1.22
C PRO A 441 -10.04 -5.32 -2.24
N SER A 442 -10.05 -4.94 -3.51
CA SER A 442 -9.63 -5.81 -4.59
C SER A 442 -8.40 -5.24 -5.29
N LYS A 443 -7.75 -6.08 -6.09
CA LYS A 443 -6.56 -5.64 -6.81
C LYS A 443 -6.44 -6.44 -8.09
N ILE A 444 -6.33 -5.74 -9.22
CA ILE A 444 -6.07 -6.36 -10.51
C ILE A 444 -4.70 -5.91 -10.98
N TYR A 445 -3.88 -6.87 -11.42
CA TYR A 445 -2.49 -6.60 -11.74
C TYR A 445 -2.07 -7.41 -12.95
N ASP A 446 -1.32 -6.80 -13.85
CA ASP A 446 -0.82 -7.52 -15.02
C ASP A 446 0.25 -8.52 -14.63
N SER A 447 0.35 -9.59 -15.41
CA SER A 447 1.35 -10.63 -15.17
C SER A 447 1.53 -11.42 -16.45
N LEU A 448 2.79 -11.64 -16.82
CA LEU A 448 3.18 -12.47 -17.96
C LEU A 448 2.23 -12.31 -19.13
N GLY A 449 1.90 -11.05 -19.42
CA GLY A 449 0.80 -10.77 -20.31
C GLY A 449 -0.45 -10.32 -19.58
N GLN A 450 -1.37 -11.25 -19.33
CA GLN A 450 -2.74 -10.91 -19.00
C GLN A 450 -2.87 -10.43 -17.55
N PRO A 451 -3.96 -9.74 -17.22
CA PRO A 451 -4.18 -9.32 -15.84
C PRO A 451 -4.89 -10.39 -15.00
N VAL A 452 -4.49 -10.46 -13.74
CA VAL A 452 -5.09 -11.33 -12.75
C VAL A 452 -5.78 -10.46 -11.70
N PHE A 453 -6.99 -10.86 -11.32
CA PHE A 453 -7.82 -10.11 -10.39
C PHE A 453 -7.98 -10.89 -9.10
N TYR A 454 -7.84 -10.21 -7.96
CA TYR A 454 -8.00 -10.79 -6.64
C TYR A 454 -9.00 -9.96 -5.86
N GLN A 455 -9.94 -10.64 -5.20
CA GLN A 455 -10.94 -9.99 -4.37
C GLN A 455 -10.77 -10.52 -2.94
N ALA A 456 -10.61 -9.60 -1.99
CA ALA A 456 -10.38 -10.00 -0.60
C ALA A 456 -11.56 -10.77 -0.04
N SER A 457 -11.27 -11.85 0.68
CA SER A 457 -12.31 -12.73 1.22
C SER A 457 -12.88 -12.11 2.49
N PHE A 458 -13.76 -11.14 2.30
CA PHE A 458 -14.48 -10.49 3.40
C PHE A 458 -15.89 -11.01 3.55
N SER A 459 -16.10 -12.30 3.29
CA SER A 459 -17.43 -12.88 3.32
C SER A 459 -17.30 -14.34 3.78
N TRP A 460 -18.37 -15.13 3.56
CA TRP A 460 -18.36 -16.52 3.97
C TRP A 460 -17.31 -17.33 3.23
N ASP A 461 -16.97 -16.93 2.00
CA ASP A 461 -15.98 -17.65 1.22
C ASP A 461 -14.58 -17.38 1.76
N THR A 462 -14.17 -18.14 2.77
CA THR A 462 -12.86 -17.92 3.39
C THR A 462 -11.71 -18.30 2.46
N MET A 463 -11.96 -19.11 1.44
CA MET A 463 -10.92 -19.47 0.50
C MET A 463 -10.47 -18.27 -0.31
N ILE A 464 -9.25 -18.32 -0.81
CA ILE A 464 -8.70 -17.22 -1.61
C ILE A 464 -9.46 -17.13 -2.92
N LYS A 465 -9.79 -15.90 -3.32
CA LYS A 465 -10.60 -15.65 -4.51
C LYS A 465 -9.74 -14.86 -5.51
N PHE A 466 -9.14 -15.57 -6.46
CA PHE A 466 -8.36 -14.94 -7.51
C PHE A 466 -8.39 -15.81 -8.75
N GLY A 467 -8.26 -15.17 -9.91
CA GLY A 467 -8.32 -15.88 -11.16
C GLY A 467 -7.97 -14.98 -12.32
N ASP A 468 -7.94 -15.57 -13.51
CA ASP A 468 -7.55 -14.85 -14.71
C ASP A 468 -8.74 -14.08 -15.29
N VAL A 469 -8.47 -12.87 -15.77
CA VAL A 469 -9.49 -12.02 -16.37
C VAL A 469 -9.56 -12.33 -17.86
N LEU A 470 -10.74 -12.73 -18.33
CA LEU A 470 -10.94 -13.04 -19.75
C LEU A 470 -11.38 -11.80 -20.52
N THR A 471 -12.50 -11.21 -20.12
CA THR A 471 -13.03 -10.01 -20.75
C THR A 471 -12.96 -8.84 -19.78
N VAL A 472 -12.98 -7.64 -20.35
CA VAL A 472 -12.81 -6.40 -19.58
C VAL A 472 -14.13 -5.70 -19.35
N ASN A 473 -14.94 -5.53 -20.40
CA ASN A 473 -16.19 -4.78 -20.25
C ASN A 473 -17.20 -5.50 -19.37
N PRO A 474 -17.52 -6.79 -19.58
CA PRO A 474 -18.39 -7.49 -18.63
C PRO A 474 -17.65 -7.98 -17.39
N LEU A 475 -16.32 -7.91 -17.37
CA LEU A 475 -15.49 -8.28 -16.22
C LEU A 475 -15.73 -9.74 -15.82
N VAL A 476 -15.36 -10.64 -16.73
CA VAL A 476 -15.38 -12.07 -16.45
C VAL A 476 -14.02 -12.48 -15.91
N VAL A 477 -14.02 -13.06 -14.72
CA VAL A 477 -12.79 -13.47 -14.03
C VAL A 477 -12.97 -14.91 -13.58
N ASN A 478 -12.22 -15.82 -14.18
CA ASN A 478 -12.23 -17.22 -13.76
C ASN A 478 -11.43 -17.36 -12.46
N TRP A 479 -12.06 -17.92 -11.44
CA TRP A 479 -11.46 -18.04 -10.12
C TRP A 479 -10.77 -19.40 -9.99
N ARG A 480 -9.50 -19.36 -9.58
CA ARG A 480 -8.76 -20.59 -9.34
C ARG A 480 -9.18 -21.20 -8.01
N ASN A 481 -9.75 -22.41 -8.05
CA ASN A 481 -10.22 -23.07 -6.85
C ASN A 481 -9.01 -23.57 -6.04
N ASN A 482 -8.63 -22.81 -5.03
CA ASN A 482 -7.53 -23.16 -4.14
C ASN A 482 -8.08 -23.51 -2.76
N THR A 483 -7.76 -24.71 -2.28
CA THR A 483 -8.28 -25.20 -1.02
C THR A 483 -7.15 -25.57 -0.07
N VAL A 484 -6.08 -24.77 -0.07
CA VAL A 484 -4.96 -24.99 0.84
C VAL A 484 -4.62 -23.69 1.55
N ILE A 485 -5.15 -22.58 1.04
CA ILE A 485 -4.92 -21.26 1.61
C ILE A 485 -6.27 -20.63 1.93
N SER A 486 -6.41 -20.12 3.15
CA SER A 486 -7.66 -19.54 3.61
C SER A 486 -7.35 -18.24 4.35
N ARG A 487 -8.36 -17.70 5.03
CA ARG A 487 -8.25 -16.42 5.72
C ARG A 487 -8.80 -16.55 7.13
N PRO A 488 -8.08 -16.07 8.15
CA PRO A 488 -8.56 -16.20 9.52
C PRO A 488 -9.75 -15.29 9.81
N GLY A 489 -10.52 -15.65 10.83
CA GLY A 489 -11.68 -14.87 11.22
C GLY A 489 -11.68 -14.50 12.69
N GLN A 490 -12.89 -14.32 13.25
CA GLN A 490 -13.04 -13.94 14.64
C GLN A 490 -13.83 -14.98 15.41
N SER A 491 -13.48 -16.25 15.24
CA SER A 491 -14.09 -17.39 15.90
C SER A 491 -15.54 -17.64 15.46
N GLN A 492 -16.00 -16.93 14.44
CA GLN A 492 -17.32 -17.17 13.87
C GLN A 492 -17.25 -17.72 12.45
N CYS A 493 -16.24 -17.33 11.68
CA CYS A 493 -16.02 -17.87 10.33
C CYS A 493 -14.53 -18.11 10.15
N PRO A 494 -14.00 -19.19 10.74
CA PRO A 494 -12.55 -19.43 10.69
C PRO A 494 -12.07 -19.89 9.33
N ARG A 495 -10.79 -20.25 9.24
CA ARG A 495 -10.23 -20.71 7.98
C ARG A 495 -10.85 -22.04 7.55
N PHE A 496 -10.64 -22.38 6.28
CA PHE A 496 -11.11 -23.64 5.70
C PHE A 496 -12.63 -23.78 5.83
N ASN A 497 -13.34 -22.67 5.61
CA ASN A 497 -14.79 -22.64 5.67
C ASN A 497 -15.34 -22.35 4.28
N THR A 498 -16.33 -23.14 3.86
CA THR A 498 -16.91 -23.01 2.53
C THR A 498 -18.41 -22.74 2.55
N CYS A 499 -19.13 -23.27 3.54
CA CYS A 499 -20.57 -23.07 3.59
C CYS A 499 -20.90 -21.61 3.87
N PRO A 500 -22.02 -21.10 3.39
CA PRO A 500 -22.34 -19.68 3.59
C PRO A 500 -22.69 -19.40 5.04
N GLU A 501 -22.23 -18.24 5.52
CA GLU A 501 -22.49 -17.80 6.88
C GLU A 501 -22.41 -16.29 6.91
N ILE A 502 -23.29 -15.68 7.71
CA ILE A 502 -23.38 -14.22 7.80
C ILE A 502 -22.22 -13.72 8.65
N CYS A 503 -21.14 -13.30 8.00
CA CYS A 503 -19.96 -12.81 8.73
C CYS A 503 -19.15 -11.91 7.80
N TRP A 504 -19.18 -10.61 8.07
CA TRP A 504 -18.32 -9.67 7.36
C TRP A 504 -17.09 -9.37 8.21
N GLU A 505 -16.23 -10.39 8.32
CA GLU A 505 -15.01 -10.30 9.12
C GLU A 505 -13.88 -10.95 8.34
N GLY A 506 -12.78 -10.22 8.19
CA GLY A 506 -11.64 -10.74 7.46
C GLY A 506 -10.52 -9.72 7.37
N VAL A 507 -9.43 -10.16 6.75
CA VAL A 507 -8.26 -9.31 6.54
C VAL A 507 -7.84 -9.43 5.08
N TYR A 508 -7.18 -8.39 4.57
CA TYR A 508 -6.72 -8.37 3.20
C TYR A 508 -5.41 -9.14 3.09
N ASN A 509 -5.40 -10.21 2.30
CA ASN A 509 -4.21 -11.04 2.08
C ASN A 509 -4.19 -11.44 0.61
N ASP A 510 -3.47 -10.67 -0.20
CA ASP A 510 -3.41 -10.91 -1.64
C ASP A 510 -2.41 -12.01 -1.96
N ALA A 511 -2.28 -12.33 -3.24
CA ALA A 511 -1.35 -13.36 -3.70
C ALA A 511 -0.97 -13.04 -5.14
N PHE A 512 0.29 -12.68 -5.35
CA PHE A 512 0.77 -12.34 -6.68
C PHE A 512 1.12 -13.61 -7.45
N LEU A 513 0.63 -13.71 -8.68
CA LEU A 513 0.91 -14.86 -9.53
C LEU A 513 2.33 -14.78 -10.08
N ILE A 514 3.13 -15.82 -9.84
CA ILE A 514 4.52 -15.83 -10.30
C ILE A 514 4.59 -16.35 -11.73
N ASP A 515 4.16 -17.59 -11.94
CA ASP A 515 4.20 -18.21 -13.25
C ASP A 515 2.83 -18.81 -13.56
N ARG A 516 2.42 -18.74 -14.83
CA ARG A 516 1.11 -19.22 -15.24
C ARG A 516 1.16 -20.53 -16.02
N ILE A 517 2.34 -20.98 -16.44
CA ILE A 517 2.45 -22.32 -17.02
C ILE A 517 2.04 -23.37 -16.00
N ASN A 518 2.49 -23.19 -14.75
CA ASN A 518 2.00 -23.94 -13.61
C ASN A 518 1.57 -22.92 -12.56
N TRP A 519 0.29 -22.95 -12.19
CA TRP A 519 -0.27 -21.89 -11.34
C TRP A 519 0.36 -21.85 -9.97
N ILE A 520 1.19 -20.84 -9.72
CA ILE A 520 1.87 -20.65 -8.44
C ILE A 520 1.72 -19.20 -8.05
N SER A 521 1.37 -18.96 -6.78
CA SER A 521 1.14 -17.62 -6.27
C SER A 521 1.83 -17.45 -4.93
N ALA A 522 2.43 -16.28 -4.73
CA ALA A 522 3.16 -15.95 -3.51
C ALA A 522 2.41 -14.84 -2.79
N GLY A 523 2.12 -15.05 -1.51
CA GLY A 523 1.39 -14.07 -0.74
C GLY A 523 1.67 -14.22 0.75
N VAL A 524 1.50 -13.12 1.47
CA VAL A 524 1.66 -13.10 2.92
C VAL A 524 0.31 -13.41 3.54
N PHE A 525 0.19 -14.59 4.15
CA PHE A 525 -1.05 -15.03 4.78
C PHE A 525 -0.82 -15.24 6.27
N LEU A 526 -1.84 -15.76 6.95
CA LEU A 526 -1.82 -15.93 8.40
C LEU A 526 -2.14 -17.38 8.72
N ASP A 527 -1.13 -18.14 9.12
CA ASP A 527 -1.29 -19.57 9.42
C ASP A 527 -1.80 -19.76 10.85
N SER A 528 -3.05 -19.34 11.05
CA SER A 528 -3.69 -19.47 12.36
C SER A 528 -5.20 -19.37 12.15
N ASN A 529 -5.93 -20.41 12.55
CA ASN A 529 -7.39 -20.42 12.46
C ASN A 529 -7.99 -19.77 13.72
N GLN A 530 -7.52 -18.57 14.01
CA GLN A 530 -7.87 -17.82 15.21
C GLN A 530 -7.64 -16.34 14.91
N THR A 531 -7.57 -15.54 15.97
CA THR A 531 -7.20 -14.14 15.84
C THR A 531 -5.92 -14.01 15.03
N ALA A 532 -5.87 -12.98 14.18
CA ALA A 532 -4.80 -12.82 13.20
C ALA A 532 -3.42 -12.78 13.87
N GLU A 533 -2.62 -13.81 13.65
CA GLU A 533 -1.29 -13.91 14.23
C GLU A 533 -0.39 -14.68 13.27
N ASN A 534 0.91 -14.61 13.55
CA ASN A 534 1.95 -15.37 12.84
C ASN A 534 1.88 -15.17 11.34
N PRO A 535 2.26 -14.01 10.81
CA PRO A 535 2.30 -13.84 9.36
C PRO A 535 3.37 -14.73 8.73
N VAL A 536 3.03 -15.33 7.60
CA VAL A 536 3.93 -16.23 6.89
C VAL A 536 3.82 -15.95 5.39
N PHE A 537 4.98 -15.89 4.73
CA PHE A 537 5.03 -15.70 3.28
C PHE A 537 4.98 -17.07 2.63
N THR A 538 3.88 -17.39 1.96
CA THR A 538 3.65 -18.70 1.38
C THR A 538 3.60 -18.58 -0.15
N VAL A 539 4.41 -19.40 -0.81
CA VAL A 539 4.34 -19.60 -2.25
C VAL A 539 3.71 -20.97 -2.47
N PHE A 540 2.51 -20.99 -3.06
CA PHE A 540 1.73 -22.20 -3.16
C PHE A 540 1.20 -22.39 -4.58
N LYS A 541 1.05 -23.66 -4.95
CA LYS A 541 0.49 -24.06 -6.24
C LYS A 541 -1.02 -24.16 -6.12
N ASP A 542 -1.68 -24.81 -7.07
CA ASP A 542 -3.13 -24.93 -7.10
C ASP A 542 -3.68 -25.50 -5.79
N ASN A 543 -3.36 -26.77 -5.49
CA ASN A 543 -3.76 -27.38 -4.22
C ASN A 543 -2.53 -28.04 -3.59
N GLU A 544 -1.73 -27.24 -2.89
CA GLU A 544 -0.62 -27.68 -2.05
C GLU A 544 0.04 -26.42 -1.48
N ILE A 545 0.94 -26.63 -0.53
CA ILE A 545 1.73 -25.56 0.07
C ILE A 545 3.19 -25.85 -0.28
N LEU A 546 3.72 -25.14 -1.28
CA LEU A 546 5.07 -25.42 -1.75
C LEU A 546 6.12 -24.91 -0.78
N TYR A 547 6.14 -23.60 -0.52
CA TYR A 547 7.16 -23.01 0.33
C TYR A 547 6.52 -22.06 1.32
N ARG A 548 7.01 -22.09 2.56
CA ARG A 548 6.58 -21.15 3.59
C ARG A 548 7.79 -20.52 4.26
N ALA A 549 7.66 -19.23 4.58
CA ALA A 549 8.70 -18.48 5.26
C ALA A 549 8.11 -17.77 6.47
N GLN A 550 8.73 -17.96 7.63
CA GLN A 550 8.28 -17.35 8.87
C GLN A 550 9.11 -16.11 9.13
N LEU A 551 8.48 -14.94 9.00
CA LEU A 551 9.16 -13.66 9.17
C LEU A 551 8.87 -13.00 10.51
N ALA A 552 8.13 -13.67 11.40
CA ALA A 552 7.81 -13.12 12.71
C ALA A 552 7.41 -14.27 13.62
N SER A 553 7.48 -14.01 14.93
CA SER A 553 7.13 -15.01 15.91
C SER A 553 5.64 -15.35 15.83
N GLU A 554 5.26 -16.46 16.46
CA GLU A 554 3.88 -16.91 16.45
C GLU A 554 2.96 -16.00 17.26
N ASP A 555 3.51 -15.07 18.04
CA ASP A 555 2.69 -14.15 18.82
C ASP A 555 2.54 -12.78 18.16
N THR A 556 3.21 -12.55 17.03
CA THR A 556 3.09 -11.27 16.34
C THR A 556 1.74 -11.18 15.64
N ASN A 557 1.02 -10.09 15.89
CA ASN A 557 -0.30 -9.88 15.31
C ASN A 557 -0.19 -9.13 13.99
N ALA A 558 -1.12 -9.42 13.09
CA ALA A 558 -1.19 -8.77 11.79
C ALA A 558 -2.60 -8.25 11.54
N GLN A 559 -2.70 -7.25 10.67
CA GLN A 559 -4.00 -6.68 10.35
C GLN A 559 -4.28 -6.63 8.85
N LYS A 560 -3.27 -6.37 8.03
CA LYS A 560 -3.45 -6.30 6.59
C LYS A 560 -2.13 -6.58 5.92
N THR A 561 -2.15 -7.45 4.91
CA THR A 561 -0.95 -7.87 4.19
C THR A 561 -1.14 -7.64 2.71
N ILE A 562 -0.25 -6.85 2.11
CA ILE A 562 -0.25 -6.59 0.67
C ILE A 562 1.06 -7.13 0.10
N THR A 563 0.98 -7.83 -1.03
CA THR A 563 2.15 -8.44 -1.63
C THR A 563 2.15 -8.18 -3.14
N ASN A 564 3.27 -7.70 -3.66
CA ASN A 564 3.44 -7.45 -5.09
C ASN A 564 4.81 -7.94 -5.51
N CYS A 565 4.84 -8.84 -6.49
CA CYS A 565 6.09 -9.37 -7.01
C CYS A 565 6.48 -8.65 -8.29
N PHE A 566 7.77 -8.67 -8.60
CA PHE A 566 8.30 -7.98 -9.76
C PHE A 566 9.65 -8.61 -10.12
N LEU A 567 10.23 -8.11 -11.21
CA LEU A 567 11.48 -8.65 -11.75
C LEU A 567 12.63 -7.69 -11.45
N LEU A 568 13.68 -8.21 -10.81
CA LEU A 568 14.93 -7.49 -10.65
C LEU A 568 15.74 -7.60 -11.93
N LYS A 569 17.05 -7.29 -11.85
CA LYS A 569 17.96 -7.43 -12.98
C LYS A 569 17.68 -8.70 -13.78
N ASN A 570 17.67 -9.85 -13.10
CA ASN A 570 17.30 -11.10 -13.75
C ASN A 570 16.40 -12.00 -12.90
N LYS A 571 16.28 -11.77 -11.60
CA LYS A 571 15.53 -12.66 -10.72
C LYS A 571 14.15 -12.09 -10.41
N ILE A 572 13.45 -12.75 -9.49
CA ILE A 572 12.11 -12.34 -9.07
C ILE A 572 12.16 -11.97 -7.60
N TRP A 573 11.56 -10.84 -7.25
CA TRP A 573 11.53 -10.36 -5.87
C TRP A 573 10.13 -9.86 -5.54
N CYS A 574 9.64 -10.20 -4.35
CA CYS A 574 8.30 -9.84 -3.91
C CYS A 574 8.39 -8.90 -2.72
N ILE A 575 7.78 -7.73 -2.85
CA ILE A 575 7.74 -6.75 -1.76
C ILE A 575 6.36 -6.82 -1.10
N SER A 576 6.35 -6.86 0.23
CA SER A 576 5.13 -7.04 0.99
C SER A 576 5.07 -6.04 2.14
N LEU A 577 3.94 -5.37 2.27
CA LEU A 577 3.63 -4.51 3.41
C LEU A 577 2.77 -5.32 4.38
N VAL A 578 3.27 -5.50 5.60
CA VAL A 578 2.60 -6.30 6.61
C VAL A 578 2.38 -5.43 7.85
N GLU A 579 1.20 -5.56 8.46
CA GLU A 579 0.84 -4.78 9.65
C GLU A 579 1.20 -5.58 10.91
N ILE A 580 2.51 -5.76 11.09
CA ILE A 580 2.99 -6.55 12.22
C ILE A 580 3.01 -5.69 13.48
N TYR A 581 3.07 -6.37 14.62
CA TYR A 581 3.12 -5.71 15.92
C TYR A 581 4.57 -5.42 16.26
N ASP A 582 4.99 -4.16 16.10
CA ASP A 582 6.36 -3.76 16.37
C ASP A 582 6.59 -3.79 17.88
N THR A 583 7.28 -4.84 18.34
CA THR A 583 7.55 -4.98 19.76
C THR A 583 8.48 -3.89 20.26
N GLY A 584 9.34 -3.35 19.40
CA GLY A 584 10.23 -2.28 19.78
C GLY A 584 9.54 -0.96 20.05
N ASP A 585 8.32 -0.78 19.54
CA ASP A 585 7.55 0.45 19.76
C ASP A 585 6.17 0.20 20.34
N ASN A 586 5.75 -1.06 20.49
CA ASN A 586 4.46 -1.42 21.08
C ASN A 586 3.31 -0.76 20.31
N VAL A 587 3.25 -1.07 19.02
CA VAL A 587 2.21 -0.53 18.14
C VAL A 587 2.20 -1.35 16.86
N ILE A 588 1.01 -1.50 16.28
CA ILE A 588 0.85 -2.17 14.98
C ILE A 588 1.42 -1.22 13.92
N ARG A 589 2.59 -1.56 13.39
CA ARG A 589 3.29 -0.68 12.48
C ARG A 589 3.47 -1.33 11.11
N PRO A 590 3.14 -0.64 10.02
CA PRO A 590 3.35 -1.22 8.68
C PRO A 590 4.82 -1.37 8.36
N LYS A 591 5.29 -2.60 8.19
CA LYS A 591 6.68 -2.87 7.86
C LYS A 591 6.77 -3.51 6.49
N LEU A 592 7.89 -3.25 5.82
CA LEU A 592 8.15 -3.74 4.47
C LEU A 592 9.06 -4.97 4.54
N PHE A 593 8.83 -5.90 3.63
CA PHE A 593 9.64 -7.11 3.56
C PHE A 593 9.89 -7.48 2.10
N ALA A 594 11.11 -7.91 1.82
CA ALA A 594 11.52 -8.34 0.49
C ALA A 594 11.84 -9.82 0.54
N VAL A 595 11.22 -10.59 -0.37
CA VAL A 595 11.37 -12.03 -0.43
C VAL A 595 11.94 -12.39 -1.79
N LYS A 596 12.98 -13.22 -1.78
CA LYS A 596 13.61 -13.70 -3.01
C LYS A 596 13.07 -15.08 -3.35
N ILE A 597 12.52 -15.21 -4.55
CA ILE A 597 11.97 -16.51 -4.99
C ILE A 597 13.13 -17.47 -5.22
N PRO A 598 13.07 -18.70 -4.70
CA PRO A 598 14.19 -19.63 -4.87
C PRO A 598 14.36 -20.02 -6.33
N GLU A 599 15.57 -19.80 -6.85
CA GLU A 599 15.87 -20.15 -8.23
C GLU A 599 15.93 -21.66 -8.41
N GLN A 600 16.69 -22.34 -7.57
CA GLN A 600 16.84 -23.79 -7.63
C GLN A 600 16.61 -24.38 -6.24
N CYS A 601 15.98 -25.56 -6.21
CA CYS A 601 15.73 -26.22 -4.93
C CYS A 601 17.01 -26.67 -4.24
N THR A 602 18.06 -26.95 -5.01
CA THR A 602 19.32 -27.40 -4.44
C THR A 602 20.07 -26.25 -3.78
N GLU B 1 28.72 -2.25 6.50
CA GLU B 1 27.42 -2.30 5.84
C GLU B 1 27.03 -0.93 5.32
N VAL B 2 26.22 -0.20 6.10
CA VAL B 2 25.77 1.14 5.76
C VAL B 2 25.88 2.01 7.00
N GLN B 3 26.58 3.13 6.89
CA GLN B 3 26.78 4.05 8.00
C GLN B 3 26.29 5.43 7.61
N LEU B 4 25.44 6.02 8.45
CA LEU B 4 24.93 7.38 8.25
C LEU B 4 25.06 8.12 9.57
N VAL B 5 26.02 9.04 9.64
CA VAL B 5 26.31 9.82 10.83
C VAL B 5 25.77 11.22 10.66
N GLU B 6 25.16 11.75 11.72
CA GLU B 6 24.60 13.10 11.72
C GLU B 6 25.36 13.93 12.74
N SER B 7 26.20 14.83 12.26
CA SER B 7 26.99 15.70 13.13
C SER B 7 26.23 17.00 13.38
N GLY B 8 26.86 17.93 14.08
CA GLY B 8 26.24 19.19 14.42
C GLY B 8 25.70 19.23 15.83
N GLY B 9 25.43 20.44 16.30
CA GLY B 9 24.93 20.62 17.65
C GLY B 9 23.69 21.51 17.72
N GLY B 10 23.41 22.04 18.90
CA GLY B 10 22.25 22.90 19.10
C GLY B 10 22.53 23.96 20.14
N LEU B 11 21.55 24.19 21.02
CA LEU B 11 21.64 25.19 22.07
C LEU B 11 21.96 26.56 21.49
N VAL B 12 21.06 27.04 20.63
CA VAL B 12 21.23 28.30 19.93
C VAL B 12 20.08 29.24 20.31
N GLN B 13 20.32 30.53 20.14
CA GLN B 13 19.36 31.60 20.40
C GLN B 13 18.39 31.73 19.23
N PRO B 14 17.09 31.92 19.50
CA PRO B 14 16.11 32.05 18.41
C PRO B 14 16.46 33.15 17.42
N GLY B 15 16.75 32.76 16.19
CA GLY B 15 17.16 33.71 15.17
C GLY B 15 18.66 33.67 14.94
N GLY B 16 19.08 32.99 13.87
CA GLY B 16 20.49 32.87 13.57
C GLY B 16 20.77 31.96 12.39
N SER B 17 21.80 31.12 12.51
CA SER B 17 22.16 30.21 11.44
C SER B 17 22.75 28.94 12.05
N LEU B 18 22.84 27.90 11.22
CA LEU B 18 23.39 26.62 11.64
C LEU B 18 23.83 25.86 10.40
N ARG B 19 25.02 25.28 10.46
CA ARG B 19 25.62 24.54 9.36
C ARG B 19 25.69 23.07 9.74
N LEU B 20 24.68 22.30 9.33
CA LEU B 20 24.66 20.88 9.59
C LEU B 20 25.46 20.12 8.54
N SER B 21 25.88 18.91 8.91
CA SER B 21 26.63 18.06 8.00
C SER B 21 26.20 16.61 8.21
N CYS B 22 26.44 15.80 7.19
CA CYS B 22 26.05 14.39 7.20
C CYS B 22 27.22 13.54 6.71
N ALA B 23 27.15 12.24 7.00
CA ALA B 23 28.17 11.31 6.55
C ALA B 23 27.48 10.13 5.86
N ALA B 24 28.22 9.47 4.97
CA ALA B 24 27.67 8.36 4.22
C ALA B 24 28.78 7.34 3.95
N SER B 25 28.52 6.09 4.31
CA SER B 25 29.45 5.00 4.07
C SER B 25 28.66 3.78 3.62
N GLY B 26 29.18 3.08 2.61
CA GLY B 26 28.48 1.94 2.06
C GLY B 26 27.90 2.20 0.69
N PHE B 27 26.58 2.44 0.65
CA PHE B 27 25.88 2.65 -0.63
C PHE B 27 26.46 3.84 -1.38
N THR B 28 26.14 3.92 -2.67
CA THR B 28 26.55 5.03 -3.49
C THR B 28 25.73 6.26 -3.16
N PHE B 29 26.41 7.38 -2.89
CA PHE B 29 25.71 8.59 -2.45
C PHE B 29 25.22 9.41 -3.62
N SER B 30 25.75 9.19 -4.82
CA SER B 30 25.40 10.03 -5.96
C SER B 30 24.14 9.56 -6.66
N SER B 31 23.65 8.37 -6.33
CA SER B 31 22.53 7.77 -7.06
C SER B 31 21.27 7.63 -6.22
N TYR B 32 21.32 7.95 -4.93
CA TYR B 32 20.16 7.78 -4.05
C TYR B 32 19.68 9.13 -3.54
N ALA B 33 18.46 9.12 -2.99
CA ALA B 33 17.81 10.34 -2.54
C ALA B 33 18.57 11.03 -1.41
N MET B 34 18.66 10.37 -0.25
CA MET B 34 19.37 10.90 0.92
C MET B 34 18.78 12.26 1.34
N SER B 35 17.54 12.22 1.80
CA SER B 35 16.84 13.40 2.26
C SER B 35 17.05 13.59 3.76
N TRP B 36 16.50 14.67 4.31
CA TRP B 36 16.55 14.95 5.74
C TRP B 36 15.18 14.73 6.36
N VAL B 37 15.17 14.29 7.61
CA VAL B 37 13.94 14.14 8.38
C VAL B 37 14.18 14.73 9.77
N ARG B 38 13.10 15.19 10.38
CA ARG B 38 13.17 15.86 11.68
C ARG B 38 12.25 15.15 12.66
N GLN B 39 12.72 15.02 13.90
CA GLN B 39 11.98 14.35 14.97
C GLN B 39 12.00 15.23 16.21
N ALA B 40 10.84 15.74 16.58
CA ALA B 40 10.72 16.57 17.78
C ALA B 40 10.32 15.72 18.97
N PRO B 41 10.82 16.04 20.17
CA PRO B 41 10.44 15.28 21.37
C PRO B 41 8.94 15.33 21.63
N GLY B 42 8.28 14.17 21.53
CA GLY B 42 6.85 14.08 21.69
C GLY B 42 6.07 14.04 20.39
N LYS B 43 6.69 14.42 19.28
CA LYS B 43 6.04 14.42 17.98
C LYS B 43 6.64 13.34 17.09
N GLY B 44 6.05 13.18 15.92
CA GLY B 44 6.49 12.19 14.96
C GLY B 44 7.50 12.74 13.98
N LEU B 45 7.72 11.99 12.90
CA LEU B 45 8.67 12.40 11.88
C LEU B 45 8.11 13.55 11.06
N GLU B 46 8.94 14.55 10.81
CA GLU B 46 8.57 15.73 10.03
C GLU B 46 9.63 15.92 8.94
N TRP B 47 9.19 15.82 7.68
CA TRP B 47 10.10 16.00 6.56
C TRP B 47 10.47 17.47 6.40
N VAL B 48 11.76 17.75 6.23
CA VAL B 48 12.24 19.12 6.13
C VAL B 48 12.93 19.41 4.81
N SER B 49 13.48 18.41 4.11
CA SER B 49 14.14 18.67 2.84
C SER B 49 14.35 17.35 2.12
N TYR B 50 14.14 17.38 0.81
CA TYR B 50 14.34 16.20 -0.04
C TYR B 50 15.20 16.61 -1.23
N ILE B 51 16.30 15.90 -1.45
CA ILE B 51 17.20 16.15 -2.57
C ILE B 51 17.23 14.91 -3.45
N SER B 52 17.15 15.13 -4.76
CA SER B 52 17.23 14.07 -5.75
C SER B 52 18.69 13.92 -6.20
N SER B 53 18.90 13.31 -7.36
CA SER B 53 20.23 13.24 -7.96
C SER B 53 20.59 14.63 -8.47
N SER B 54 21.63 14.71 -9.31
CA SER B 54 22.13 15.96 -9.88
C SER B 54 21.01 16.95 -10.15
N SER B 55 21.16 18.18 -9.66
CA SER B 55 20.06 19.09 -9.39
C SER B 55 19.03 19.17 -10.52
N SER B 56 17.87 18.58 -10.29
CA SER B 56 16.72 18.70 -11.18
C SER B 56 15.47 19.13 -10.45
N TYR B 57 15.27 18.66 -9.22
CA TYR B 57 14.09 18.96 -8.43
C TYR B 57 14.48 19.03 -6.95
N THR B 58 13.97 20.04 -6.26
CA THR B 58 14.23 20.23 -4.84
C THR B 58 12.95 20.69 -4.16
N ASN B 59 12.46 19.90 -3.21
CA ASN B 59 11.28 20.23 -2.42
C ASN B 59 11.73 20.72 -1.05
N TYR B 60 11.32 21.93 -0.66
CA TYR B 60 11.87 22.59 0.50
C TYR B 60 10.91 22.60 1.69
N ALA B 61 9.95 21.67 1.75
CA ALA B 61 9.07 21.52 2.91
C ALA B 61 8.31 22.81 3.19
N ASP B 62 7.37 23.11 2.28
CA ASP B 62 6.62 24.37 2.21
C ASP B 62 6.28 24.96 3.57
N SER B 63 5.97 24.11 4.55
CA SER B 63 5.75 24.59 5.92
C SER B 63 6.87 25.50 6.40
N VAL B 64 8.10 25.19 6.00
CA VAL B 64 9.26 26.06 6.23
C VAL B 64 9.93 26.26 4.89
N LYS B 65 9.56 27.31 4.17
CA LYS B 65 10.03 27.50 2.80
C LYS B 65 11.42 28.11 2.74
N GLY B 66 11.57 29.32 3.25
CA GLY B 66 12.81 30.07 3.14
C GLY B 66 13.76 29.96 4.31
N ARG B 67 13.47 29.09 5.28
CA ARG B 67 14.35 29.00 6.45
C ARG B 67 15.46 27.98 6.23
N PHE B 68 15.20 26.94 5.44
CA PHE B 68 16.16 25.88 5.20
C PHE B 68 16.59 25.86 3.74
N THR B 69 17.75 25.25 3.50
CA THR B 69 18.25 25.07 2.14
C THR B 69 19.20 23.88 2.15
N ILE B 70 18.80 22.80 1.49
CA ILE B 70 19.57 21.56 1.47
C ILE B 70 20.52 21.58 0.27
N SER B 71 21.69 20.97 0.44
CA SER B 71 22.66 20.89 -0.64
C SER B 71 23.36 19.55 -0.59
N ARG B 72 23.71 19.05 -1.78
CA ARG B 72 24.30 17.74 -1.96
C ARG B 72 25.67 17.87 -2.61
N ASP B 73 26.52 16.87 -2.39
CA ASP B 73 27.86 16.86 -2.99
C ASP B 73 28.21 15.42 -3.32
N ASN B 74 28.45 15.14 -4.61
CA ASN B 74 28.78 13.79 -5.04
C ASN B 74 30.27 13.48 -4.95
N SER B 75 31.12 14.50 -5.06
CA SER B 75 32.57 14.29 -4.92
C SER B 75 32.91 13.77 -3.53
N LYS B 76 32.61 14.57 -2.50
CA LYS B 76 32.77 14.16 -1.12
C LYS B 76 31.39 13.86 -0.55
N ASN B 77 31.22 12.66 -0.01
CA ASN B 77 29.92 12.23 0.49
C ASN B 77 29.55 13.01 1.74
N THR B 78 28.74 14.05 1.58
CA THR B 78 28.30 14.90 2.68
C THR B 78 27.08 15.68 2.24
N LEU B 79 26.03 15.65 3.06
CA LEU B 79 24.76 16.31 2.77
C LEU B 79 24.59 17.46 3.73
N TYR B 80 24.60 18.69 3.20
CA TYR B 80 24.56 19.89 4.03
C TYR B 80 23.13 20.40 4.16
N LEU B 81 22.79 20.88 5.36
CA LEU B 81 21.46 21.39 5.69
C LEU B 81 21.58 22.76 6.35
N GLN B 82 22.35 23.65 5.72
CA GLN B 82 22.55 25.00 6.22
C GLN B 82 21.23 25.67 6.53
N MET B 83 21.03 26.01 7.81
CA MET B 83 19.81 26.66 8.27
C MET B 83 20.01 28.15 8.39
N ASN B 84 18.97 28.91 8.02
CA ASN B 84 19.02 30.37 8.07
C ASN B 84 17.76 30.88 8.79
N SER B 85 17.98 31.74 9.78
CA SER B 85 16.89 32.35 10.55
C SER B 85 15.99 31.29 11.18
N LEU B 86 16.59 30.49 12.05
CA LEU B 86 15.84 29.45 12.75
C LEU B 86 14.93 30.09 13.82
N ARG B 87 13.98 29.29 14.29
CA ARG B 87 13.02 29.73 15.29
C ARG B 87 12.95 28.70 16.41
N ALA B 88 12.10 28.98 17.40
CA ALA B 88 11.94 28.08 18.53
C ALA B 88 11.11 26.85 18.20
N GLU B 89 10.47 26.81 17.04
CA GLU B 89 9.68 25.66 16.62
C GLU B 89 10.51 24.63 15.88
N ASP B 90 11.84 24.79 15.83
CA ASP B 90 12.71 23.87 15.13
C ASP B 90 13.59 23.07 16.09
N THR B 91 13.33 23.14 17.39
CA THR B 91 14.09 22.36 18.37
C THR B 91 13.72 20.89 18.22
N ALA B 92 14.59 20.13 17.58
CA ALA B 92 14.33 18.72 17.28
C ALA B 92 15.65 18.08 16.88
N SER B 93 15.58 16.83 16.40
CA SER B 93 16.75 16.09 15.97
C SER B 93 16.64 15.80 14.47
N TYR B 94 17.75 15.99 13.76
CA TYR B 94 17.80 15.80 12.31
C TYR B 94 18.48 14.49 11.97
N TYR B 95 17.97 13.81 10.95
CA TYR B 95 18.54 12.56 10.46
C TYR B 95 18.60 12.60 8.95
N CYS B 96 19.78 12.33 8.39
CA CYS B 96 19.95 12.23 6.94
C CYS B 96 19.81 10.76 6.54
N ALA B 97 18.68 10.46 5.91
CA ALA B 97 18.37 9.08 5.57
C ALA B 97 17.85 8.97 4.14
N ARG B 98 18.02 7.78 3.57
CA ARG B 98 17.50 7.50 2.23
C ARG B 98 15.98 7.42 2.27
N GLY B 99 15.35 7.98 1.24
CA GLY B 99 13.90 8.09 1.20
C GLY B 99 13.43 9.43 1.72
N LEU B 100 12.38 9.94 1.09
CA LEU B 100 11.87 11.27 1.38
C LEU B 100 11.36 11.37 2.82
N ALA B 101 10.32 10.62 3.15
CA ALA B 101 9.65 10.78 4.44
C ALA B 101 8.72 9.61 4.75
N GLY B 102 7.90 9.76 5.77
CA GLY B 102 6.91 8.76 6.13
C GLY B 102 7.41 7.79 7.18
N VAL B 103 7.17 6.50 6.96
CA VAL B 103 7.61 5.45 7.86
C VAL B 103 8.64 4.54 7.23
N TRP B 104 8.92 4.72 5.94
CA TRP B 104 9.88 3.87 5.25
C TRP B 104 11.30 4.26 5.60
N GLY B 105 12.07 3.28 6.08
CA GLY B 105 13.47 3.47 6.34
C GLY B 105 14.30 2.45 5.59
N ILE B 106 15.11 2.91 4.64
CA ILE B 106 15.89 2.02 3.78
C ILE B 106 16.95 1.32 4.60
N ASP B 107 17.80 2.11 5.26
CA ASP B 107 18.90 1.56 6.05
C ASP B 107 18.74 1.95 7.52
N VAL B 108 19.73 1.58 8.32
CA VAL B 108 19.71 1.94 9.73
C VAL B 108 19.84 3.45 9.89
N TRP B 109 19.00 4.03 10.74
CA TRP B 109 18.97 5.47 10.95
C TRP B 109 20.29 5.97 11.52
N GLY B 110 20.65 5.51 12.71
CA GLY B 110 21.88 5.93 13.35
C GLY B 110 21.65 6.74 14.61
N GLN B 111 22.73 7.29 15.17
CA GLN B 111 22.64 8.10 16.38
C GLN B 111 21.81 9.35 16.16
N GLY B 112 22.28 10.23 15.28
CA GLY B 112 21.61 11.47 14.95
C GLY B 112 22.32 12.64 15.61
N THR B 113 21.67 13.80 15.53
CA THR B 113 22.20 15.02 16.13
C THR B 113 21.06 15.80 16.76
N LEU B 114 21.36 16.47 17.86
CA LEU B 114 20.36 17.24 18.61
C LEU B 114 20.54 18.72 18.34
N VAL B 115 19.44 19.42 18.09
CA VAL B 115 19.43 20.86 17.84
C VAL B 115 18.43 21.48 18.80
N THR B 116 18.89 22.42 19.62
CA THR B 116 18.07 23.08 20.62
C THR B 116 18.05 24.58 20.35
N VAL B 117 16.86 25.18 20.45
CA VAL B 117 16.67 26.61 20.26
C VAL B 117 16.01 27.16 21.53
N SER B 118 16.78 27.91 22.31
CA SER B 118 16.30 28.47 23.56
C SER B 118 17.18 29.66 23.93
N SER B 119 17.02 30.16 25.15
CA SER B 119 17.80 31.28 25.67
C SER B 119 17.68 32.52 24.80
C1 NAG C . -10.54 5.21 -25.56
C2 NAG C . -11.74 4.28 -25.72
C3 NAG C . -11.88 3.85 -27.18
C4 NAG C . -11.92 5.06 -28.09
C5 NAG C . -10.72 5.97 -27.83
C6 NAG C . -10.77 7.26 -28.62
C7 NAG C . -12.60 2.70 -24.05
C8 NAG C . -13.87 3.49 -24.09
N2 NAG C . -11.62 3.13 -24.85
O3 NAG C . -13.07 3.08 -27.32
O4 NAG C . -11.90 4.66 -29.46
O5 NAG C . -10.67 6.33 -26.44
O6 NAG C . -12.10 7.75 -28.72
O7 NAG C . -12.47 1.72 -23.33
C1 NAG C . -13.22 4.82 -30.02
C2 NAG C . -13.08 5.30 -31.47
C3 NAG C . -14.45 5.42 -32.11
C4 NAG C . -15.22 4.12 -31.99
C5 NAG C . -15.29 3.69 -30.53
C6 NAG C . -15.94 2.35 -30.33
C7 NAG C . -11.25 6.73 -32.26
C8 NAG C . -10.64 8.11 -32.21
N2 NAG C . -12.36 6.56 -31.54
O3 NAG C . -14.30 5.77 -33.49
O4 NAG C . -16.54 4.27 -32.51
O5 NAG C . -13.97 3.59 -29.98
O6 NAG C . -15.42 1.38 -31.23
O7 NAG C . -10.75 5.83 -32.91
C1 BMA C . -16.67 3.46 -33.70
C2 BMA C . -17.84 4.01 -34.54
C3 BMA C . -17.93 3.28 -35.88
C4 BMA C . -16.56 3.23 -36.57
C5 BMA C . -15.51 2.64 -35.64
C6 BMA C . -14.11 2.61 -36.24
O2 BMA C . -17.63 5.39 -34.83
O3 BMA C . -18.89 3.87 -36.74
O4 BMA C . -16.65 2.43 -37.76
O5 BMA C . -15.46 3.44 -34.46
O6 BMA C . -13.45 3.82 -35.87
C1 MAN C . -12.94 4.45 -37.06
C2 MAN C . -11.73 5.34 -36.65
C3 MAN C . -12.21 6.58 -35.88
C4 MAN C . -13.32 7.30 -36.65
C5 MAN C . -14.47 6.32 -36.93
C6 MAN C . -15.60 6.93 -37.72
O2 MAN C . -11.03 5.84 -37.79
O3 MAN C . -11.13 7.48 -35.61
O4 MAN C . -13.82 8.39 -35.87
O5 MAN C . -13.95 5.21 -37.70
O6 MAN C . -16.22 5.90 -38.48
C1 MAN C . -17.52 6.34 -38.92
C2 MAN C . -17.95 5.42 -40.11
C3 MAN C . -19.28 5.89 -40.74
C4 MAN C . -19.63 7.32 -40.32
C5 MAN C . -18.36 8.16 -40.35
C6 MAN C . -18.62 9.65 -40.15
O2 MAN C . -18.18 4.08 -39.67
O3 MAN C . -20.35 4.99 -40.44
O4 MAN C . -20.58 7.87 -41.23
O5 MAN C . -17.49 7.74 -39.28
O6 MAN C . -17.40 10.34 -40.36
C1 NAG D . -23.43 9.85 9.59
C2 NAG D . -22.75 10.17 10.94
C3 NAG D . -23.13 11.57 11.47
C4 NAG D . -24.56 12.00 11.20
C5 NAG D . -25.09 11.52 9.85
C6 NAG D . -24.49 12.27 8.67
C7 NAG D . -24.14 8.71 12.42
C8 NAG D . -24.08 7.64 13.47
N2 NAG D . -22.96 9.13 11.96
O3 NAG D . -22.22 12.52 10.93
O4 NAG D . -25.41 11.52 12.23
O5 NAG D . -24.79 10.14 9.65
O6 NAG D . -24.17 13.60 9.02
O7 NAG D . -25.21 9.17 12.04
C1 NAG D . -26.36 12.53 12.67
C2 NAG D . -25.61 13.84 12.96
C3 NAG D . -26.29 15.02 12.26
C4 NAG D . -27.81 15.01 12.46
C5 NAG D . -28.39 13.64 12.15
C6 NAG D . -29.45 13.67 11.07
C7 NAG D . -24.37 14.34 15.02
C8 NAG D . -23.14 14.37 14.16
N2 NAG D . -25.52 14.08 14.39
O3 NAG D . -25.98 14.99 10.87
O4 NAG D . -28.12 15.36 13.80
O5 NAG D . -27.35 12.76 11.67
O6 NAG D . -30.57 14.46 11.46
O7 NAG D . -24.32 14.54 16.23
C1 BMA D . -28.14 16.80 13.90
C2 BMA D . -29.40 17.32 13.20
C3 BMA D . -29.52 18.86 13.41
C4 BMA D . -29.31 19.27 14.89
C5 BMA D . -28.03 18.64 15.44
C6 BMA D . -27.81 18.91 16.92
O2 BMA D . -30.56 16.71 13.74
O3 BMA D . -30.74 19.41 12.83
O4 BMA D . -29.20 20.68 15.00
O5 BMA D . -28.11 17.21 15.26
O6 BMA D . -28.70 18.09 17.66
C1 MAN D . -27.99 17.56 18.80
C2 MAN D . -27.87 16.02 18.61
C3 MAN D . -27.25 15.37 19.84
C4 MAN D . -27.88 15.87 21.18
C5 MAN D . -28.08 17.40 21.21
C6 MAN D . -26.80 18.18 21.45
O2 MAN D . -26.99 15.71 17.52
O3 MAN D . -25.83 15.52 19.88
O4 MAN D . -29.13 15.21 21.40
O5 MAN D . -28.68 17.87 19.99
O6 MAN D . -27.08 19.57 21.32
C1 MAN D . -25.86 20.32 21.46
C2 MAN D . -24.98 20.03 20.22
C3 MAN D . -23.59 20.68 20.37
C4 MAN D . -22.95 20.43 21.77
C5 MAN D . -23.96 20.64 22.93
C6 MAN D . -24.27 22.10 23.22
O2 MAN D . -25.54 20.61 19.04
O3 MAN D . -23.60 22.07 20.05
O4 MAN D . -22.40 19.12 21.84
O5 MAN D . -25.21 19.96 22.66
O6 MAN D . -25.06 22.16 24.40
C1 MAN D . -31.83 19.52 13.77
C2 MAN D . -33.07 18.82 13.15
C3 MAN D . -34.35 19.52 13.61
C4 MAN D . -34.20 20.04 15.04
C5 MAN D . -33.14 21.14 15.08
C6 MAN D . -32.46 21.29 16.44
O2 MAN D . -33.18 17.47 13.59
O3 MAN D . -35.48 18.66 13.50
O4 MAN D . -35.44 20.56 15.50
O5 MAN D . -32.09 20.88 14.09
O6 MAN D . -31.64 22.46 16.41
C1 NAG E . -8.58 -26.72 10.61
C2 NAG E . -8.01 -27.00 12.00
C3 NAG E . -8.95 -27.91 12.80
C4 NAG E . -9.69 -28.89 11.90
C5 NAG E . -10.40 -28.19 10.74
C6 NAG E . -11.91 -28.16 10.92
C7 NAG E . -5.56 -26.96 12.26
C8 NAG E . -5.74 -25.55 12.77
N2 NAG E . -6.68 -27.60 11.91
O3 NAG E . -9.89 -27.10 13.51
O4 NAG E . -8.77 -29.86 11.39
O5 NAG E . -9.97 -26.84 10.65
O6 NAG E . -12.41 -26.85 10.79
O7 NAG E . -4.45 -27.48 12.17
C1 NAG E . -9.52 -30.93 10.78
C2 NAG E . -8.72 -31.47 9.59
C3 NAG E . -9.46 -32.64 8.95
C4 NAG E . -9.80 -33.70 9.98
C5 NAG E . -10.54 -33.07 11.16
C6 NAG E . -10.80 -34.04 12.29
C7 NAG E . -7.25 -29.86 8.47
C8 NAG E . -7.15 -28.79 7.42
N2 NAG E . -8.45 -30.43 8.62
O3 NAG E . -8.65 -33.20 7.91
O4 NAG E . -10.63 -34.69 9.39
O5 NAG E . -9.77 -32.00 11.71
O6 NAG E . -9.65 -34.84 12.56
O7 NAG E . -6.29 -30.18 9.16
C1 BMA E . -10.01 -36.00 9.42
C2 BMA E . -9.67 -36.41 7.95
C3 BMA E . -8.14 -36.44 7.69
C4 BMA E . -7.32 -37.15 8.80
C5 BMA E . -8.09 -37.21 10.13
C6 BMA E . -7.18 -37.34 11.34
O2 BMA E . -10.22 -35.48 7.03
O3 BMA E . -7.63 -35.12 7.45
O4 BMA E . -6.97 -38.46 8.38
O5 BMA E . -8.85 -36.00 10.24
O6 BMA E . -7.98 -37.71 12.46
C1 MAN E . -8.40 -39.08 12.31
C2 MAN E . -8.99 -39.54 13.66
C3 MAN E . -9.34 -41.03 13.62
C4 MAN E . -8.22 -41.91 13.00
C5 MAN E . -7.62 -41.29 11.71
C6 MAN E . -8.51 -41.42 10.49
O2 MAN E . -10.21 -38.86 13.94
O3 MAN E . -10.59 -41.27 12.97
O4 MAN E . -7.20 -42.15 13.96
O5 MAN E . -7.31 -39.89 11.91
O6 MAN E . -8.98 -42.77 10.42
C1 NAG F . -33.47 -21.96 -10.46
C2 NAG F . -34.20 -21.06 -11.45
C3 NAG F . -33.81 -21.39 -12.89
C4 NAG F . -33.69 -22.90 -13.09
C5 NAG F . -32.74 -23.52 -12.08
C6 NAG F . -31.46 -24.03 -12.71
C7 NAG F . -36.38 -20.15 -10.77
C8 NAG F . -37.85 -20.42 -10.66
N2 NAG F . -35.64 -21.15 -11.27
O3 NAG F . -32.57 -20.77 -13.21
O4 NAG F . -34.99 -23.49 -12.97
O5 NAG F . -32.36 -22.55 -11.10
O6 NAG F . -30.32 -23.55 -12.01
O7 NAG F . -35.88 -19.08 -10.43
C1 NAG F . -34.92 -24.92 -13.07
C2 NAG F . -35.95 -25.50 -12.09
C3 NAG F . -35.94 -27.02 -12.17
C4 NAG F . -36.14 -27.49 -13.61
C5 NAG F . -35.12 -26.81 -14.52
C6 NAG F . -35.33 -27.12 -15.99
C7 NAG F . -36.64 -24.61 -9.91
C8 NAG F . -36.19 -24.20 -8.54
N2 NAG F . -35.68 -25.06 -10.73
O3 NAG F . -36.98 -27.55 -11.34
O4 NAG F . -35.96 -28.90 -13.67
O5 NAG F . -35.19 -25.39 -14.39
O6 NAG F . -36.65 -26.75 -16.41
O7 NAG F . -37.81 -24.56 -10.26
C1 BMA F . -37.16 -29.57 -14.16
C2 BMA F . -37.90 -30.23 -12.96
C3 BMA F . -39.21 -30.86 -13.42
C4 BMA F . -40.04 -29.88 -14.28
C5 BMA F . -39.17 -29.33 -15.42
C6 BMA F . -39.91 -28.33 -16.31
O2 BMA F . -38.22 -29.29 -11.95
O3 BMA F . -40.00 -31.29 -12.30
O4 BMA F . -41.17 -30.55 -14.83
O5 BMA F . -38.04 -28.66 -14.84
O6 BMA F . -40.87 -29.06 -17.07
C1 MAN F . -39.67 -32.66 -11.98
C2 MAN F . -40.96 -33.32 -11.41
C3 MAN F . -40.62 -34.30 -10.27
C4 MAN F . -39.70 -33.69 -9.18
C5 MAN F . -38.96 -32.46 -9.70
C6 MAN F . -37.68 -32.17 -8.94
O2 MAN F . -41.63 -34.08 -12.40
O3 MAN F . -40.06 -35.52 -10.78
O4 MAN F . -40.47 -33.34 -8.03
O5 MAN F . -38.59 -32.70 -11.06
O6 MAN F . -37.17 -30.91 -9.37
C1 MAN F . -41.83 -28.15 -17.63
C2 MAN F . -42.87 -28.99 -18.42
C3 MAN F . -43.40 -28.19 -19.61
C4 MAN F . -43.46 -26.70 -19.27
C5 MAN F . -42.03 -26.16 -19.06
C6 MAN F . -41.97 -24.93 -18.18
O2 MAN F . -44.01 -29.29 -17.62
O3 MAN F . -44.68 -28.65 -20.03
O4 MAN F . -44.08 -25.99 -20.33
O5 MAN F . -41.18 -27.18 -18.46
O6 MAN F . -40.65 -24.41 -18.24
C1 NAG G . -11.71 -25.84 -10.59
C2 NAG G . -13.19 -26.08 -10.84
C3 NAG G . -13.39 -26.54 -12.28
C4 NAG G . -12.76 -25.56 -13.25
C5 NAG G . -11.30 -25.29 -12.88
C6 NAG G . -10.66 -24.20 -13.71
C7 NAG G . -14.98 -26.99 -9.43
C8 NAG G . -15.37 -28.09 -8.48
N2 NAG G . -13.73 -27.06 -9.91
O3 NAG G . -14.79 -26.66 -12.54
O4 NAG G . -12.79 -26.10 -14.57
O5 NAG G . -11.21 -24.87 -11.51
O6 NAG G . -10.58 -22.98 -12.99
O7 NAG G . -15.75 -26.10 -9.75
C1 NAG G . -13.81 -25.46 -15.36
C2 NAG G . -13.80 -26.12 -16.74
C3 NAG G . -14.90 -25.51 -17.62
C4 NAG G . -16.25 -25.60 -16.92
C5 NAG G . -16.16 -24.96 -15.54
C6 NAG G . -17.43 -25.11 -14.73
C7 NAG G . -11.61 -26.97 -17.45
C8 NAG G . -10.32 -26.65 -18.15
N2 NAG G . -12.50 -25.97 -17.39
O3 NAG G . -14.95 -26.20 -18.86
O4 NAG G . -17.24 -24.93 -17.68
O5 NAG G . -15.11 -25.58 -14.78
O6 NAG G . -18.48 -24.31 -15.25
O7 NAG G . -11.83 -28.07 -16.96
C1 BMA G . -18.18 -25.89 -18.20
C2 BMA G . -19.26 -25.11 -18.98
C3 BMA G . -20.20 -26.09 -19.70
C4 BMA G . -19.41 -27.13 -20.49
C5 BMA G . -18.42 -27.85 -19.56
C6 BMA G . -17.59 -28.90 -20.27
O2 BMA G . -18.68 -24.30 -19.98
O3 BMA G . -21.11 -25.40 -20.56
O4 BMA G . -20.30 -28.09 -21.05
O5 BMA G . -17.53 -26.85 -19.02
O6 BMA G . -18.43 -29.57 -21.21
C1 MAN G . -22.46 -25.72 -20.17
C2 MAN G . -23.42 -25.12 -21.25
C3 MAN G . -23.53 -23.60 -21.08
C4 MAN G . -23.87 -23.24 -19.63
C5 MAN G . -22.80 -23.81 -18.70
C6 MAN G . -23.06 -23.52 -17.24
O2 MAN G . -24.75 -25.61 -21.10
O3 MAN G . -24.49 -23.04 -21.96
O4 MAN G . -23.92 -21.83 -19.49
O5 MAN G . -22.76 -25.24 -18.86
O6 MAN G . -23.29 -22.12 -17.09
C1 MAN G . -17.60 -30.33 -22.12
C2 MAN G . -16.77 -29.34 -22.97
C3 MAN G . -17.67 -28.62 -23.98
C4 MAN G . -18.52 -29.63 -24.78
C5 MAN G . -19.33 -30.49 -23.80
C6 MAN G . -20.16 -31.55 -24.50
O2 MAN G . -15.79 -30.02 -23.75
O3 MAN G . -16.93 -27.80 -24.87
O4 MAN G . -19.40 -28.94 -25.64
O5 MAN G . -18.41 -31.18 -22.92
O6 MAN G . -20.90 -30.91 -25.53
#